data_8HQL
#
_entry.id   8HQL
#
_cell.length_a   92.680
_cell.length_b   92.680
_cell.length_c   449.521
_cell.angle_alpha   90.00
_cell.angle_beta   90.00
_cell.angle_gamma   120.00
#
_symmetry.space_group_name_H-M   'P 61 2 2'
#
loop_
_entity.id
_entity.type
_entity.pdbx_description
1 polymer 'Sorting nexin-25'
2 non-polymer 'PENTAETHYLENE GLYCOL'
3 non-polymer GLYCEROL
4 non-polymer 'CHLORIDE ION'
5 non-polymer 'ACETIC ACID'
6 water water
#
_entity_poly.entity_id   1
_entity_poly.type   'polypeptide(L)'
_entity_poly.pdbx_seq_one_letter_code
;MNLGLWRASITSAEVTEENGEQMPCYFVRVNLQEVGGVETKNWTVPRRLSEFQNLHRKLSECVPSLKKVQLPSLSKLPFK
SIDHKFLGKSRNQLNAFLQNLLSDERLFQSEALYAFLSPSLEHHHHHH
;
_entity_poly.pdbx_strand_id   A,B,C,D,E
#
loop_
_chem_comp.id
_chem_comp.type
_chem_comp.name
_chem_comp.formula
1PE non-polymer 'PENTAETHYLENE GLYCOL' 'C10 H22 O6'
ACY non-polymer 'ACETIC ACID' 'C2 H4 O2'
CL non-polymer 'CHLORIDE ION' 'Cl -1'
GOL non-polymer GLYCEROL 'C3 H8 O3'
#
# COMPACT_ATOMS: atom_id res chain seq x y z
N MET A 1 2.60 13.05 -8.10
CA MET A 1 1.99 12.77 -6.81
C MET A 1 3.09 12.43 -5.80
N ASN A 2 2.96 12.82 -4.53
CA ASN A 2 3.86 12.27 -3.50
C ASN A 2 3.11 12.15 -2.17
N LEU A 3 2.57 10.97 -1.91
CA LEU A 3 1.76 10.71 -0.70
C LEU A 3 2.65 10.71 0.52
N GLY A 4 3.96 10.71 0.32
CA GLY A 4 4.83 10.77 1.51
C GLY A 4 4.77 12.09 2.21
N LEU A 5 4.28 13.16 1.55
CA LEU A 5 4.05 14.46 2.20
C LEU A 5 2.62 14.57 2.79
N TRP A 6 1.76 13.59 2.59
CA TRP A 6 0.36 13.59 3.10
C TRP A 6 0.39 13.09 4.54
N ARG A 7 -0.29 13.77 5.45
CA ARG A 7 -0.48 13.27 6.84
C ARG A 7 -1.96 12.99 7.05
N ALA A 8 -2.26 11.92 7.74
CA ALA A 8 -3.61 11.43 7.92
C ALA A 8 -3.72 10.90 9.33
N SER A 9 -4.89 11.00 9.92
CA SER A 9 -5.12 10.52 11.30
C SER A 9 -6.64 10.31 11.44
N ILE A 10 -7.04 9.26 12.11
CA ILE A 10 -8.48 8.99 12.34
C ILE A 10 -8.92 9.79 13.56
N THR A 11 -9.84 10.72 13.42
CA THR A 11 -10.19 11.62 14.56
C THR A 11 -11.43 11.09 15.26
N SER A 12 -12.21 10.20 14.68
CA SER A 12 -13.37 9.62 15.38
C SER A 12 -13.90 8.45 14.57
N ALA A 13 -14.76 7.65 15.18
CA ALA A 13 -15.44 6.53 14.50
C ALA A 13 -16.88 6.46 14.96
N GLU A 14 -17.76 5.97 14.10
CA GLU A 14 -19.18 5.77 14.43
C GLU A 14 -19.68 4.58 13.61
N VAL A 15 -20.93 4.16 13.78
CA VAL A 15 -21.56 3.09 12.97
C VAL A 15 -22.60 3.68 12.02
N THR A 16 -22.70 3.17 10.81
CA THR A 16 -23.54 3.64 9.68
C THR A 16 -24.21 2.35 9.13
N GLU A 17 -25.08 2.44 8.13
CA GLU A 17 -25.64 1.27 7.39
C GLU A 17 -24.97 1.20 6.00
N GLU A 18 -24.15 0.18 5.78
CA GLU A 18 -23.75 -0.27 4.42
C GLU A 18 -24.66 -1.49 4.14
N ASN A 19 -25.38 -1.48 3.00
CA ASN A 19 -26.42 -2.49 2.67
C ASN A 19 -27.34 -2.68 3.90
N GLY A 20 -27.37 -3.88 4.47
CA GLY A 20 -28.29 -4.23 5.57
C GLY A 20 -27.65 -4.13 6.95
N GLU A 21 -26.32 -4.19 7.05
CA GLU A 21 -25.61 -4.43 8.35
C GLU A 21 -24.96 -3.14 8.90
N GLN A 22 -24.64 -3.18 10.19
CA GLN A 22 -23.93 -2.11 10.93
C GLN A 22 -22.48 -2.11 10.42
N MET A 23 -21.98 -0.96 9.94
CA MET A 23 -20.63 -0.80 9.33
C MET A 23 -19.88 0.30 10.08
N PRO A 24 -18.75 -0.02 10.73
CA PRO A 24 -17.90 1.02 11.33
C PRO A 24 -17.46 1.99 10.23
N CYS A 25 -17.46 3.29 10.56
CA CYS A 25 -17.06 4.40 9.68
C CYS A 25 -16.03 5.24 10.44
N TYR A 26 -14.89 5.50 9.85
CA TYR A 26 -13.77 6.19 10.50
C TYR A 26 -13.52 7.51 9.77
N PHE A 27 -13.38 8.58 10.53
CA PHE A 27 -13.19 9.95 10.01
C PHE A 27 -11.69 10.22 9.92
N VAL A 28 -11.18 10.28 8.69
CA VAL A 28 -9.74 10.42 8.39
C VAL A 28 -9.45 11.87 8.09
N ARG A 29 -8.76 12.52 9.00
CA ARG A 29 -8.30 13.91 8.82
C ARG A 29 -6.99 13.89 8.01
N VAL A 30 -6.98 14.58 6.90
CA VAL A 30 -5.85 14.60 5.94
C VAL A 30 -5.30 16.02 5.83
N ASN A 31 -4.00 16.13 5.89
CA ASN A 31 -3.26 17.41 5.90
C ASN A 31 -2.13 17.35 4.84
N LEU A 32 -2.11 18.27 3.90
CA LEU A 32 -1.03 18.36 2.88
C LEU A 32 -0.18 19.63 3.12
N GLN A 33 -0.12 20.16 4.33
CA GLN A 33 0.72 21.35 4.63
C GLN A 33 2.16 21.10 4.13
N GLU A 34 2.66 19.86 4.17
CA GLU A 34 4.07 19.59 3.80
C GLU A 34 4.23 19.74 2.30
N VAL A 35 3.13 19.77 1.57
CA VAL A 35 3.17 19.95 0.09
C VAL A 35 3.21 21.46 -0.03
N GLY A 36 4.01 21.98 -0.91
CA GLY A 36 4.02 23.44 -1.00
C GLY A 36 2.87 23.83 -1.87
N GLY A 37 2.95 25.03 -2.39
CA GLY A 37 2.12 25.48 -3.50
C GLY A 37 0.75 25.88 -3.01
N VAL A 38 -0.13 26.10 -3.96
CA VAL A 38 -1.47 26.67 -3.70
C VAL A 38 -2.44 25.60 -4.18
N GLU A 39 -3.06 24.93 -3.21
CA GLU A 39 -4.07 23.88 -3.44
C GLU A 39 -4.84 23.64 -2.16
N THR A 40 -5.87 22.81 -2.22
CA THR A 40 -6.62 22.40 -1.02
C THR A 40 -5.67 21.54 -0.17
N LYS A 41 -5.53 21.83 1.12
CA LYS A 41 -4.55 21.17 2.00
C LYS A 41 -5.17 20.48 3.19
N ASN A 42 -6.46 20.64 3.45
CA ASN A 42 -7.08 20.09 4.67
C ASN A 42 -8.50 19.61 4.38
N TRP A 43 -8.85 18.40 4.81
CA TRP A 43 -10.24 17.91 4.76
C TRP A 43 -10.32 16.68 5.64
N THR A 44 -11.56 16.23 5.88
CA THR A 44 -11.83 14.97 6.58
C THR A 44 -12.61 14.10 5.61
N VAL A 45 -12.21 12.83 5.49
CA VAL A 45 -12.94 11.89 4.62
C VAL A 45 -13.36 10.72 5.45
N PRO A 46 -14.67 10.42 5.49
CA PRO A 46 -15.15 9.23 6.19
C PRO A 46 -14.87 8.01 5.32
N ARG A 47 -14.34 6.96 5.93
CA ARG A 47 -14.19 5.65 5.26
C ARG A 47 -14.71 4.52 6.15
N ARG A 48 -15.46 3.62 5.55
CA ARG A 48 -16.04 2.39 6.20
C ARG A 48 -14.93 1.37 6.40
N LEU A 49 -15.06 0.52 7.40
CA LEU A 49 -14.15 -0.62 7.59
C LEU A 49 -13.97 -1.33 6.26
N SER A 50 -15.05 -1.52 5.52
CA SER A 50 -14.98 -2.29 4.25
C SER A 50 -14.05 -1.57 3.26
N GLU A 51 -14.02 -0.23 3.24
CA GLU A 51 -13.11 0.54 2.35
C GLU A 51 -11.66 0.38 2.81
N PHE A 52 -11.38 0.28 4.10
CA PHE A 52 -10.01 -0.03 4.55
C PHE A 52 -9.58 -1.44 4.07
N GLN A 53 -10.50 -2.38 4.10
CA GLN A 53 -10.25 -3.82 3.76
C GLN A 53 -10.02 -3.93 2.23
N ASN A 54 -10.87 -3.31 1.46
CA ASN A 54 -10.67 -3.12 0.00
C ASN A 54 -9.29 -2.50 -0.27
N LEU A 55 -8.95 -1.39 0.39
CA LEU A 55 -7.65 -0.72 0.15
C LEU A 55 -6.56 -1.72 0.46
N HIS A 56 -6.63 -2.42 1.58
CA HIS A 56 -5.58 -3.38 1.97
C HIS A 56 -5.34 -4.39 0.85
N ARG A 57 -6.41 -4.88 0.24
CA ARG A 57 -6.39 -5.95 -0.78
C ARG A 57 -5.71 -5.39 -2.02
N LYS A 58 -6.16 -4.25 -2.53
CA LYS A 58 -5.53 -3.56 -3.70
C LYS A 58 -4.04 -3.28 -3.45
N LEU A 59 -3.66 -2.71 -2.31
CA LEU A 59 -2.26 -2.37 -2.07
C LEU A 59 -1.43 -3.66 -1.97
N SER A 60 -2.08 -4.76 -1.57
CA SER A 60 -1.43 -6.07 -1.34
C SER A 60 -0.93 -6.65 -2.69
N GLU A 61 -1.57 -6.31 -3.82
CA GLU A 61 -1.09 -6.56 -5.20
C GLU A 61 0.29 -5.89 -5.40
N CYS A 62 0.35 -4.55 -5.43
CA CYS A 62 1.59 -3.74 -5.54
C CYS A 62 2.69 -4.20 -4.56
N VAL A 63 2.37 -4.51 -3.29
CA VAL A 63 3.37 -4.83 -2.24
C VAL A 63 2.92 -6.06 -1.46
N PRO A 64 3.28 -7.27 -1.91
CA PRO A 64 2.66 -8.51 -1.39
C PRO A 64 2.96 -8.81 0.09
N SER A 65 3.99 -8.21 0.69
CA SER A 65 4.26 -8.35 2.14
C SER A 65 3.06 -7.81 2.96
N LEU A 66 2.21 -6.95 2.39
CA LEU A 66 1.05 -6.35 3.13
C LEU A 66 -0.02 -7.42 3.38
N LYS A 67 -0.03 -8.53 2.60
CA LYS A 67 -0.94 -9.69 2.85
C LYS A 67 -0.77 -10.21 4.27
N LYS A 68 0.40 -10.07 4.89
CA LYS A 68 0.65 -10.53 6.30
C LYS A 68 -0.12 -9.68 7.33
N VAL A 69 -0.59 -8.47 6.97
CA VAL A 69 -1.15 -7.50 7.96
C VAL A 69 -2.61 -7.87 8.19
N GLN A 70 -2.99 -8.06 9.43
CA GLN A 70 -4.37 -8.33 9.87
C GLN A 70 -5.03 -6.98 10.24
N LEU A 71 -6.11 -6.66 9.57
CA LEU A 71 -6.97 -5.48 9.86
C LEU A 71 -8.13 -5.91 10.74
N PRO A 72 -8.84 -5.00 11.42
CA PRO A 72 -10.01 -5.39 12.19
C PRO A 72 -11.03 -6.08 11.29
N SER A 73 -11.87 -6.89 11.93
CA SER A 73 -12.86 -7.73 11.22
C SER A 73 -14.16 -7.81 12.03
N LEU A 74 -15.33 -7.77 11.39
CA LEU A 74 -16.62 -7.99 12.14
C LEU A 74 -16.80 -9.49 12.37
N SER A 75 -17.02 -9.87 13.63
CA SER A 75 -17.33 -11.26 14.06
C SER A 75 -18.63 -11.66 13.35
N LYS A 76 -18.65 -12.86 12.77
CA LYS A 76 -19.90 -13.40 12.12
C LYS A 76 -20.75 -14.14 13.18
N LEU A 77 -20.20 -14.39 14.37
CA LEU A 77 -20.87 -15.16 15.46
C LEU A 77 -22.15 -14.46 15.92
N PRO A 78 -23.13 -15.16 16.55
CA PRO A 78 -24.30 -14.47 17.12
C PRO A 78 -23.87 -13.54 18.28
N PHE A 79 -24.61 -12.46 18.55
CA PHE A 79 -24.38 -11.58 19.72
C PHE A 79 -22.97 -10.96 19.67
N LYS A 80 -22.36 -10.73 18.50
CA LYS A 80 -21.10 -9.96 18.32
C LYS A 80 -21.43 -8.64 17.59
N SER A 81 -22.37 -7.88 18.12
CA SER A 81 -22.70 -6.51 17.66
C SER A 81 -21.47 -5.59 17.88
N ILE A 82 -21.32 -4.56 17.08
CA ILE A 82 -20.28 -3.50 17.27
C ILE A 82 -20.50 -2.75 18.59
N ASP A 83 -19.50 -2.68 19.43
CA ASP A 83 -19.58 -1.87 20.67
C ASP A 83 -18.41 -0.85 20.70
N HIS A 84 -18.44 0.00 21.71
CA HIS A 84 -17.45 1.09 21.85
C HIS A 84 -16.07 0.48 22.00
N LYS A 85 -15.90 -0.68 22.59
CA LYS A 85 -14.54 -1.23 22.78
C LYS A 85 -13.98 -1.57 21.40
N PHE A 86 -14.79 -2.20 20.55
CA PHE A 86 -14.36 -2.57 19.18
C PHE A 86 -14.07 -1.30 18.36
N LEU A 87 -14.92 -0.26 18.44
CA LEU A 87 -14.68 0.97 17.65
C LEU A 87 -13.35 1.58 18.08
N GLY A 88 -13.08 1.63 19.36
CA GLY A 88 -11.86 2.24 19.93
C GLY A 88 -10.60 1.49 19.48
N LYS A 89 -10.59 0.16 19.55
CA LYS A 89 -9.43 -0.68 19.21
C LYS A 89 -9.27 -0.70 17.69
N SER A 90 -10.37 -0.88 16.96
CA SER A 90 -10.31 -0.92 15.49
C SER A 90 -9.78 0.45 15.01
N ARG A 91 -10.17 1.55 15.64
CA ARG A 91 -9.71 2.89 15.25
C ARG A 91 -8.19 2.95 15.44
N ASN A 92 -7.67 2.51 16.58
CA ASN A 92 -6.22 2.57 16.84
C ASN A 92 -5.49 1.69 15.83
N GLN A 93 -6.00 0.51 15.53
CA GLN A 93 -5.38 -0.42 14.56
C GLN A 93 -5.39 0.19 13.19
N LEU A 94 -6.52 0.76 12.75
CA LEU A 94 -6.61 1.32 11.39
C LEU A 94 -5.75 2.57 11.30
N ASN A 95 -5.60 3.26 12.41
CA ASN A 95 -4.81 4.51 12.43
C ASN A 95 -3.33 4.14 12.28
N ALA A 96 -2.87 3.13 13.03
CA ALA A 96 -1.49 2.60 12.95
C ALA A 96 -1.23 2.10 11.52
N PHE A 97 -2.19 1.42 10.93
CA PHE A 97 -2.15 0.97 9.53
C PHE A 97 -1.91 2.16 8.61
N LEU A 98 -2.68 3.24 8.72
CA LEU A 98 -2.48 4.43 7.86
C LEU A 98 -1.08 5.01 8.08
N GLN A 99 -0.58 5.11 9.33
CA GLN A 99 0.75 5.67 9.60
C GLN A 99 1.80 4.78 8.87
N ASN A 100 1.65 3.46 8.94
CA ASN A 100 2.60 2.48 8.34
C ASN A 100 2.54 2.63 6.83
N LEU A 101 1.35 2.78 6.23
CA LEU A 101 1.28 2.93 4.77
C LEU A 101 1.99 4.20 4.39
N LEU A 102 1.75 5.29 5.13
CA LEU A 102 2.22 6.61 4.64
C LEU A 102 3.72 6.75 4.86
N SER A 103 4.35 5.85 5.64
CA SER A 103 5.81 5.85 5.85
C SER A 103 6.52 4.92 4.82
N ASP A 104 5.77 4.34 3.89
CA ASP A 104 6.25 3.31 2.95
C ASP A 104 6.37 3.93 1.56
N GLU A 105 7.63 4.20 1.17
CA GLU A 105 8.02 4.91 -0.06
C GLU A 105 7.45 4.16 -1.25
N ARG A 106 7.24 2.85 -1.14
CA ARG A 106 6.71 2.07 -2.28
C ARG A 106 5.33 2.60 -2.65
N LEU A 107 4.61 3.26 -1.73
CA LEU A 107 3.18 3.58 -1.97
C LEU A 107 3.03 5.06 -2.33
N PHE A 108 4.12 5.83 -2.41
CA PHE A 108 4.00 7.30 -2.49
C PHE A 108 3.39 7.72 -3.81
N GLN A 109 3.16 6.79 -4.72
CA GLN A 109 2.48 7.14 -6.01
C GLN A 109 1.26 6.19 -6.18
N SER A 110 0.85 5.44 -5.14
CA SER A 110 -0.34 4.58 -5.14
C SER A 110 -1.62 5.32 -5.47
N GLU A 111 -2.19 5.10 -6.64
CA GLU A 111 -3.50 5.62 -7.07
C GLU A 111 -4.61 5.20 -6.10
N ALA A 112 -4.51 4.02 -5.47
CA ALA A 112 -5.55 3.50 -4.57
C ALA A 112 -5.48 4.30 -3.25
N LEU A 113 -4.26 4.47 -2.70
CA LEU A 113 -4.05 5.24 -1.45
C LEU A 113 -4.48 6.69 -1.68
N TYR A 114 -4.16 7.23 -2.83
CA TYR A 114 -4.54 8.60 -3.18
C TYR A 114 -6.06 8.72 -3.17
N ALA A 115 -6.77 7.80 -3.79
CA ALA A 115 -8.25 7.90 -3.95
C ALA A 115 -8.88 7.70 -2.56
N PHE A 116 -8.31 6.83 -1.73
CA PHE A 116 -8.83 6.57 -0.37
C PHE A 116 -8.66 7.80 0.53
N LEU A 117 -7.54 8.56 0.43
CA LEU A 117 -7.23 9.70 1.31
C LEU A 117 -7.87 10.98 0.77
N SER A 118 -8.37 10.93 -0.45
CA SER A 118 -9.00 12.08 -1.14
C SER A 118 -10.41 12.29 -0.63
N PRO A 119 -10.94 13.52 -0.81
CA PRO A 119 -12.31 13.83 -0.41
C PRO A 119 -13.33 12.88 -1.07
N SER A 120 -14.36 12.52 -0.34
CA SER A 120 -15.53 11.73 -0.81
C SER A 120 -16.75 12.62 -0.82
N LEU A 121 -17.27 12.94 -2.01
CA LEU A 121 -18.50 13.74 -2.20
C LEU A 121 -19.58 12.83 -2.77
N GLU A 122 -20.35 12.14 -1.88
CA GLU A 122 -21.43 11.18 -2.24
C GLU A 122 -22.32 11.79 -3.34
N MET B 1 -26.51 15.11 -7.18
CA MET B 1 -25.86 16.42 -6.99
C MET B 1 -26.92 17.48 -6.68
N ASN B 2 -26.74 18.29 -5.63
CA ASN B 2 -27.59 19.48 -5.46
C ASN B 2 -26.73 20.58 -4.81
N LEU B 3 -26.18 21.41 -5.67
CA LEU B 3 -25.25 22.47 -5.25
C LEU B 3 -26.02 23.52 -4.50
N GLY B 4 -27.35 23.49 -4.56
CA GLY B 4 -28.13 24.50 -3.82
C GLY B 4 -27.88 24.43 -2.31
N LEU B 5 -27.51 23.26 -1.80
CA LEU B 5 -27.18 23.07 -0.38
C LEU B 5 -25.70 23.36 -0.03
N TRP B 6 -24.84 23.61 -1.02
CA TRP B 6 -23.43 23.98 -0.84
C TRP B 6 -23.40 25.47 -0.49
N ARG B 7 -22.53 25.83 0.45
CA ARG B 7 -22.23 27.24 0.76
C ARG B 7 -20.78 27.51 0.45
N ALA B 8 -20.50 28.70 -0.03
CA ALA B 8 -19.14 29.06 -0.47
C ALA B 8 -18.95 30.54 -0.16
N SER B 9 -17.74 30.91 0.17
CA SER B 9 -17.41 32.30 0.55
C SER B 9 -15.92 32.47 0.37
N ILE B 10 -15.52 33.57 -0.22
CA ILE B 10 -14.08 33.86 -0.41
C ILE B 10 -13.55 34.44 0.90
N THR B 11 -12.58 33.81 1.55
CA THR B 11 -12.15 34.25 2.89
C THR B 11 -10.91 35.14 2.76
N SER B 12 -10.20 35.09 1.65
CA SER B 12 -9.02 35.93 1.44
C SER B 12 -8.64 35.85 -0.04
N ALA B 13 -7.77 36.74 -0.46
CA ALA B 13 -7.21 36.84 -1.81
C ALA B 13 -5.75 37.22 -1.70
N GLU B 14 -4.96 36.78 -2.64
CA GLU B 14 -3.52 37.10 -2.74
C GLU B 14 -3.17 37.08 -4.23
N VAL B 15 -1.91 37.32 -4.62
CA VAL B 15 -1.50 37.02 -6.00
C VAL B 15 -0.57 35.82 -6.02
N THR B 16 -0.53 35.20 -7.18
CA THR B 16 0.30 34.01 -7.52
C THR B 16 0.86 34.34 -8.91
N GLU B 17 1.68 33.47 -9.49
CA GLU B 17 2.19 33.57 -10.87
C GLU B 17 1.41 32.58 -11.76
N GLU B 18 0.60 33.08 -12.67
CA GLU B 18 0.14 32.33 -13.86
C GLU B 18 1.08 32.76 -15.00
N ASN B 19 1.83 31.82 -15.60
CA ASN B 19 2.95 32.08 -16.54
C ASN B 19 3.84 33.19 -15.94
N GLY B 20 3.95 34.34 -16.62
CA GLY B 20 4.88 35.43 -16.24
C GLY B 20 4.23 36.54 -15.44
N GLU B 21 2.89 36.68 -15.46
CA GLU B 21 2.20 37.86 -14.85
C GLU B 21 1.57 37.52 -13.47
N GLN B 22 1.30 38.57 -12.71
CA GLN B 22 0.65 38.51 -11.38
C GLN B 22 -0.83 38.18 -11.62
N MET B 23 -1.34 37.12 -10.97
CA MET B 23 -2.73 36.61 -11.13
C MET B 23 -3.38 36.61 -9.74
N PRO B 24 -4.46 37.37 -9.52
CA PRO B 24 -5.23 37.25 -8.30
C PRO B 24 -5.70 35.80 -8.10
N CYS B 25 -5.62 35.32 -6.85
CA CYS B 25 -6.02 33.98 -6.38
C CYS B 25 -6.95 34.19 -5.19
N TYR B 26 -8.12 33.57 -5.20
CA TYR B 26 -9.14 33.76 -4.15
C TYR B 26 -9.32 32.43 -3.45
N PHE B 27 -9.37 32.46 -2.12
CA PHE B 27 -9.52 31.28 -1.26
C PHE B 27 -11.01 31.12 -0.99
N VAL B 28 -11.58 30.07 -1.59
CA VAL B 28 -13.04 29.81 -1.52
C VAL B 28 -13.26 28.74 -0.47
N ARG B 29 -13.89 29.12 0.62
CA ARG B 29 -14.27 28.20 1.69
C ARG B 29 -15.63 27.63 1.31
N VAL B 30 -15.72 26.32 1.27
CA VAL B 30 -16.91 25.58 0.84
C VAL B 30 -17.38 24.72 2.00
N ASN B 31 -18.69 24.73 2.20
CA ASN B 31 -19.34 24.07 3.34
C ASN B 31 -20.54 23.26 2.84
N LEU B 32 -20.57 21.95 3.08
CA LEU B 32 -21.71 21.10 2.72
C LEU B 32 -22.40 20.61 4.00
N GLN B 33 -22.27 21.32 5.11
CA GLN B 33 -23.02 20.93 6.37
C GLN B 33 -24.53 20.79 6.06
N GLU B 34 -25.10 21.60 5.15
CA GLU B 34 -26.57 21.58 4.97
C GLU B 34 -26.93 20.33 4.19
N VAL B 35 -25.94 19.65 3.61
CA VAL B 35 -26.20 18.34 2.93
C VAL B 35 -26.19 17.38 4.10
N GLY B 36 -27.05 16.42 4.10
CA GLY B 36 -26.98 15.52 5.27
C GLY B 36 -25.88 14.52 5.04
N GLY B 37 -26.00 13.39 5.68
CA GLY B 37 -25.26 12.19 5.36
C GLY B 37 -23.81 12.29 5.83
N VAL B 38 -23.04 11.35 5.34
CA VAL B 38 -21.65 11.11 5.78
C VAL B 38 -20.84 11.28 4.51
N GLU B 39 -20.09 12.38 4.47
CA GLU B 39 -19.18 12.74 3.37
C GLU B 39 -18.25 13.85 3.82
N THR B 40 -17.28 14.19 2.99
CA THR B 40 -16.41 15.37 3.23
C THR B 40 -17.28 16.60 3.15
N LYS B 41 -17.24 17.49 4.15
CA LYS B 41 -18.18 18.64 4.21
C LYS B 41 -17.47 19.98 4.22
N ASN B 42 -16.17 20.05 4.40
CA ASN B 42 -15.48 21.35 4.56
C ASN B 42 -14.14 21.35 3.88
N TRP B 43 -13.87 22.39 3.11
CA TRP B 43 -12.51 22.59 2.56
C TRP B 43 -12.42 24.01 2.06
N THR B 44 -11.22 24.41 1.69
CA THR B 44 -10.92 25.66 1.01
C THR B 44 -10.28 25.31 -0.32
N VAL B 45 -10.76 25.94 -1.38
CA VAL B 45 -10.13 25.68 -2.72
C VAL B 45 -9.71 27.04 -3.27
N PRO B 46 -8.43 27.19 -3.62
CA PRO B 46 -7.95 28.40 -4.24
C PRO B 46 -8.35 28.39 -5.71
N ARG B 47 -8.85 29.51 -6.18
CA ARG B 47 -9.19 29.72 -7.59
C ARG B 47 -8.66 31.08 -8.06
N ARG B 48 -8.00 31.08 -9.21
CA ARG B 48 -7.42 32.28 -9.88
C ARG B 48 -8.57 33.08 -10.52
N LEU B 49 -8.41 34.37 -10.66
CA LEU B 49 -9.35 35.24 -11.40
C LEU B 49 -9.67 34.56 -12.74
N SER B 50 -8.66 34.03 -13.40
CA SER B 50 -8.84 33.43 -14.73
C SER B 50 -9.80 32.23 -14.65
N GLU B 51 -9.76 31.44 -13.57
CA GLU B 51 -10.70 30.29 -13.37
C GLU B 51 -12.12 30.82 -13.12
N PHE B 52 -12.30 31.96 -12.44
CA PHE B 52 -13.66 32.52 -12.30
C PHE B 52 -14.18 32.99 -13.69
N GLN B 53 -13.29 33.48 -14.53
CA GLN B 53 -13.64 34.07 -15.85
C GLN B 53 -14.02 32.92 -16.79
N ASN B 54 -13.22 31.87 -16.82
CA ASN B 54 -13.55 30.61 -17.49
C ASN B 54 -14.93 30.12 -17.03
N LEU B 55 -15.14 30.00 -15.72
CA LEU B 55 -16.44 29.52 -15.20
C LEU B 55 -17.55 30.41 -15.73
N HIS B 56 -17.39 31.71 -15.62
CA HIS B 56 -18.43 32.66 -16.05
C HIS B 56 -18.83 32.41 -17.52
N ARG B 57 -17.84 32.13 -18.37
CA ARG B 57 -18.02 32.04 -19.83
C ARG B 57 -18.82 30.74 -20.10
N LYS B 58 -18.37 29.61 -19.56
CA LYS B 58 -19.08 28.33 -19.68
C LYS B 58 -20.51 28.44 -19.13
N LEU B 59 -20.71 28.96 -17.92
CA LEU B 59 -22.06 29.00 -17.33
C LEU B 59 -22.93 29.98 -18.13
N SER B 60 -22.33 30.91 -18.84
CA SER B 60 -23.05 31.95 -19.64
C SER B 60 -23.80 31.28 -20.82
N GLU B 61 -23.30 30.15 -21.34
CA GLU B 61 -24.00 29.25 -22.29
C GLU B 61 -25.32 28.75 -21.66
N CYS B 62 -25.24 27.93 -20.62
CA CYS B 62 -26.39 27.40 -19.84
C CYS B 62 -27.39 28.49 -19.44
N VAL B 63 -26.93 29.65 -18.97
CA VAL B 63 -27.81 30.71 -18.40
C VAL B 63 -27.39 32.06 -18.96
N PRO B 64 -27.95 32.47 -20.12
CA PRO B 64 -27.43 33.62 -20.86
C PRO B 64 -27.59 34.97 -20.14
N SER B 65 -28.45 35.10 -19.14
CA SER B 65 -28.51 36.32 -18.30
C SER B 65 -27.16 36.60 -17.60
N LEU B 66 -26.30 35.58 -17.43
CA LEU B 66 -24.98 35.77 -16.76
C LEU B 66 -24.03 36.58 -17.66
N LYS B 67 -24.24 36.62 -18.97
CA LYS B 67 -23.46 37.49 -19.92
C LYS B 67 -23.55 38.96 -19.46
N LYS B 68 -24.63 39.38 -18.83
CA LYS B 68 -24.83 40.77 -18.33
C LYS B 68 -24.06 41.03 -17.04
N VAL B 69 -23.48 40.03 -16.38
CA VAL B 69 -22.64 40.24 -15.15
C VAL B 69 -21.23 40.55 -15.62
N GLN B 70 -20.67 41.68 -15.21
CA GLN B 70 -19.24 42.01 -15.48
C GLN B 70 -18.40 41.56 -14.27
N LEU B 71 -17.45 40.68 -14.51
CA LEU B 71 -16.51 40.17 -13.50
C LEU B 71 -15.26 41.05 -13.51
N PRO B 72 -14.48 41.10 -12.42
CA PRO B 72 -13.28 41.89 -12.41
C PRO B 72 -12.37 41.51 -13.58
N SER B 73 -11.59 42.50 -14.00
CA SER B 73 -10.66 42.37 -15.15
C SER B 73 -9.35 43.09 -14.83
N LEU B 74 -8.22 42.56 -15.31
CA LEU B 74 -6.88 43.15 -15.16
C LEU B 74 -6.66 44.30 -16.16
N PRO B 78 -5.12 51.44 -14.04
CA PRO B 78 -3.85 51.67 -13.32
C PRO B 78 -2.63 50.90 -13.88
N PHE B 79 -2.62 50.69 -15.19
CA PHE B 79 -1.55 50.00 -15.95
C PHE B 79 -1.50 48.54 -15.50
N LYS B 80 -0.34 47.88 -15.32
CA LYS B 80 -0.25 46.41 -15.11
C LYS B 80 0.04 46.11 -13.63
N SER B 81 -0.73 46.73 -12.71
CA SER B 81 -0.48 46.60 -11.24
C SER B 81 -1.73 46.37 -10.37
N ILE B 82 -1.85 45.14 -9.92
CA ILE B 82 -2.88 44.71 -8.93
C ILE B 82 -2.54 45.34 -7.59
N ASP B 83 -3.49 45.94 -6.90
CA ASP B 83 -3.24 46.51 -5.56
C ASP B 83 -4.30 46.00 -4.56
N HIS B 84 -4.14 46.36 -3.29
CA HIS B 84 -5.05 45.96 -2.20
C HIS B 84 -6.49 46.35 -2.56
N LYS B 85 -6.70 47.52 -3.14
CA LYS B 85 -8.09 48.00 -3.41
C LYS B 85 -8.75 47.03 -4.42
N PHE B 86 -8.02 46.65 -5.45
CA PHE B 86 -8.52 45.72 -6.48
C PHE B 86 -8.82 44.34 -5.85
N LEU B 87 -7.93 43.82 -5.01
CA LEU B 87 -8.14 42.49 -4.40
C LEU B 87 -9.41 42.53 -3.56
N GLY B 88 -9.62 43.61 -2.81
CA GLY B 88 -10.78 43.74 -1.91
C GLY B 88 -12.09 43.82 -2.67
N LYS B 89 -12.14 44.64 -3.73
CA LYS B 89 -13.38 44.88 -4.52
C LYS B 89 -13.63 43.65 -5.39
N SER B 90 -12.59 43.11 -6.03
CA SER B 90 -12.72 41.89 -6.85
C SER B 90 -13.24 40.76 -5.96
N ARG B 91 -12.75 40.64 -4.72
CA ARG B 91 -13.21 39.58 -3.78
C ARG B 91 -14.73 39.78 -3.56
N ASN B 92 -15.18 41.00 -3.28
CA ASN B 92 -16.63 41.23 -3.01
C ASN B 92 -17.45 40.89 -4.26
N GLN B 93 -16.98 41.29 -5.43
CA GLN B 93 -17.68 41.03 -6.73
C GLN B 93 -17.74 39.53 -6.97
N LEU B 94 -16.62 38.82 -6.80
CA LEU B 94 -16.59 37.36 -7.08
C LEU B 94 -17.41 36.64 -6.04
N ASN B 95 -17.47 37.18 -4.85
CA ASN B 95 -18.23 36.56 -3.75
C ASN B 95 -19.73 36.67 -4.01
N ALA B 96 -20.18 37.86 -4.39
CA ALA B 96 -21.60 38.10 -4.82
C ALA B 96 -21.95 37.22 -6.02
N PHE B 97 -21.06 37.09 -6.98
CA PHE B 97 -21.18 36.16 -8.13
C PHE B 97 -21.44 34.75 -7.64
N LEU B 98 -20.62 34.24 -6.71
CA LEU B 98 -20.81 32.85 -6.19
C LEU B 98 -22.17 32.75 -5.53
N GLN B 99 -22.57 33.74 -4.73
CA GLN B 99 -23.89 33.69 -4.02
C GLN B 99 -25.01 33.62 -5.07
N ASN B 100 -24.91 34.37 -6.16
CA ASN B 100 -25.92 34.42 -7.25
C ASN B 100 -25.97 33.05 -7.91
N LEU B 101 -24.82 32.43 -8.21
CA LEU B 101 -24.84 31.09 -8.83
C LEU B 101 -25.54 30.12 -7.89
N LEU B 102 -25.21 30.15 -6.60
CA LEU B 102 -25.64 29.07 -5.69
C LEU B 102 -27.11 29.25 -5.32
N SER B 103 -27.71 30.39 -5.64
CA SER B 103 -29.16 30.64 -5.38
C SER B 103 -29.99 30.38 -6.65
N ASP B 104 -29.36 29.90 -7.73
CA ASP B 104 -30.00 29.76 -9.07
C ASP B 104 -30.16 28.28 -9.36
N GLU B 105 -31.40 27.82 -9.25
CA GLU B 105 -31.80 26.39 -9.34
C GLU B 105 -31.32 25.82 -10.69
N ARG B 106 -31.21 26.65 -11.73
CA ARG B 106 -30.70 26.12 -13.04
C ARG B 106 -29.28 25.56 -12.88
N LEU B 107 -28.53 25.95 -11.84
CA LEU B 107 -27.11 25.54 -11.72
C LEU B 107 -26.92 24.42 -10.71
N PHE B 108 -27.97 23.96 -10.05
CA PHE B 108 -27.80 23.04 -8.90
C PHE B 108 -27.22 21.73 -9.37
N GLN B 109 -27.15 21.49 -10.67
CA GLN B 109 -26.56 20.23 -11.21
C GLN B 109 -25.45 20.60 -12.21
N SER B 110 -24.96 21.85 -12.22
CA SER B 110 -23.84 22.33 -13.07
C SER B 110 -22.58 21.54 -12.75
N GLU B 111 -22.15 20.67 -13.65
CA GLU B 111 -20.86 19.94 -13.55
C GLU B 111 -19.68 20.93 -13.46
N ALA B 112 -19.76 22.09 -14.10
CA ALA B 112 -18.69 23.09 -14.12
C ALA B 112 -18.60 23.75 -12.71
N LEU B 113 -19.72 24.18 -12.15
CA LEU B 113 -19.79 24.77 -10.79
C LEU B 113 -19.32 23.72 -9.77
N TYR B 114 -19.71 22.49 -9.94
CA TYR B 114 -19.31 21.42 -9.01
C TYR B 114 -17.79 21.28 -9.05
N ALA B 115 -17.20 21.22 -10.24
CA ALA B 115 -15.74 21.00 -10.37
C ALA B 115 -15.00 22.25 -9.82
N PHE B 116 -15.52 23.44 -10.05
CA PHE B 116 -14.92 24.69 -9.53
C PHE B 116 -14.92 24.75 -8.00
N LEU B 117 -15.99 24.33 -7.33
CA LEU B 117 -16.16 24.43 -5.85
C LEU B 117 -15.54 23.21 -5.17
N SER B 118 -15.13 22.21 -5.93
CA SER B 118 -14.50 20.98 -5.42
C SER B 118 -13.03 21.22 -5.12
N PRO B 119 -12.44 20.41 -4.24
CA PRO B 119 -11.03 20.53 -3.90
C PRO B 119 -10.15 20.42 -5.15
N SER B 120 -9.06 21.18 -5.16
CA SER B 120 -8.00 21.20 -6.18
C SER B 120 -6.74 20.59 -5.57
N LEU B 121 -6.30 19.44 -6.06
CA LEU B 121 -5.05 18.75 -5.59
C LEU B 121 -3.87 18.74 -6.60
N MET C 1 27.84 -23.84 32.48
CA MET C 1 27.98 -22.92 31.34
C MET C 1 28.44 -21.55 31.88
N ASN C 2 29.23 -20.82 31.10
CA ASN C 2 29.46 -19.39 31.32
C ASN C 2 29.51 -18.70 29.95
N LEU C 3 28.38 -18.11 29.57
CA LEU C 3 28.22 -17.48 28.25
C LEU C 3 29.07 -16.22 28.20
N GLY C 4 29.58 -15.77 29.34
CA GLY C 4 30.48 -14.60 29.32
C GLY C 4 31.77 -14.88 28.54
N LEU C 5 32.16 -16.14 28.39
CA LEU C 5 33.36 -16.52 27.60
C LEU C 5 32.99 -16.86 26.15
N TRP C 6 31.71 -16.87 25.77
CA TRP C 6 31.25 -17.05 24.37
C TRP C 6 31.44 -15.73 23.65
N ARG C 7 31.99 -15.78 22.44
CA ARG C 7 32.03 -14.61 21.55
C ARG C 7 31.15 -14.88 20.35
N ALA C 8 30.49 -13.84 19.89
CA ALA C 8 29.50 -13.97 18.82
C ALA C 8 29.57 -12.69 18.05
N SER C 9 29.41 -12.81 16.74
CA SER C 9 29.43 -11.65 15.86
C SER C 9 28.60 -12.05 14.62
N ILE C 10 27.83 -11.14 14.09
CA ILE C 10 27.08 -11.38 12.85
C ILE C 10 28.02 -11.13 11.68
N THR C 11 28.28 -12.13 10.85
CA THR C 11 29.28 -11.96 9.78
C THR C 11 28.59 -11.58 8.48
N SER C 12 27.30 -11.83 8.34
CA SER C 12 26.59 -11.44 7.11
C SER C 12 25.09 -11.57 7.39
N ALA C 13 24.30 -10.99 6.50
CA ALA C 13 22.83 -11.05 6.53
C ALA C 13 22.30 -11.28 5.12
N GLU C 14 21.20 -11.98 5.03
CA GLU C 14 20.49 -12.16 3.76
C GLU C 14 18.99 -12.20 4.08
N VAL C 15 18.16 -12.37 3.07
CA VAL C 15 16.71 -12.62 3.22
C VAL C 15 16.43 -14.08 2.93
N THR C 16 15.48 -14.64 3.68
CA THR C 16 14.97 -16.03 3.56
C THR C 16 13.45 -15.88 3.53
N GLU C 17 12.70 -16.96 3.30
CA GLU C 17 11.20 -16.93 3.33
C GLU C 17 10.71 -17.54 4.65
N GLU C 18 10.18 -16.70 5.54
CA GLU C 18 9.34 -17.13 6.70
C GLU C 18 7.92 -16.86 6.18
N ASN C 19 7.47 -17.71 5.25
CA ASN C 19 6.05 -17.92 4.84
C ASN C 19 5.70 -16.89 3.77
N GLY C 20 4.86 -15.90 4.08
CA GLY C 20 4.39 -14.89 3.11
C GLY C 20 5.23 -13.62 3.08
N GLU C 21 6.45 -13.64 3.67
CA GLU C 21 7.32 -12.43 3.66
C GLU C 21 8.78 -12.81 3.46
N GLN C 22 9.53 -11.82 3.03
CA GLN C 22 10.99 -11.71 3.16
C GLN C 22 11.29 -11.52 4.67
N MET C 23 12.13 -12.40 5.24
CA MET C 23 12.56 -12.34 6.68
C MET C 23 14.08 -12.19 6.69
N PRO C 24 14.61 -11.09 7.23
CA PRO C 24 16.05 -10.93 7.40
C PRO C 24 16.59 -12.10 8.25
N CYS C 25 17.74 -12.64 7.84
CA CYS C 25 18.40 -13.80 8.47
C CYS C 25 19.86 -13.38 8.69
N TYR C 26 20.37 -13.53 9.91
CA TYR C 26 21.71 -13.05 10.28
C TYR C 26 22.56 -14.25 10.62
N PHE C 27 23.78 -14.29 10.07
CA PHE C 27 24.74 -15.40 10.29
C PHE C 27 25.60 -15.02 11.50
N VAL C 28 25.38 -15.74 12.61
CA VAL C 28 26.05 -15.45 13.90
C VAL C 28 27.23 -16.42 14.04
N ARG C 29 28.44 -15.89 13.95
CA ARG C 29 29.67 -16.67 14.15
C ARG C 29 29.94 -16.69 15.67
N VAL C 30 30.03 -17.88 16.21
CA VAL C 30 30.18 -18.10 17.66
C VAL C 30 31.53 -18.80 17.90
N ASN C 31 32.25 -18.30 18.89
CA ASN C 31 33.62 -18.76 19.23
C ASN C 31 33.73 -19.02 20.74
N LEU C 32 34.06 -20.23 21.15
CA LEU C 32 34.26 -20.55 22.59
C LEU C 32 35.75 -20.78 22.89
N GLN C 33 36.67 -20.22 22.13
CA GLN C 33 38.14 -20.46 22.35
C GLN C 33 38.47 -20.11 23.82
N GLU C 34 37.82 -19.10 24.37
CA GLU C 34 38.12 -18.57 25.70
C GLU C 34 37.66 -19.59 26.73
N VAL C 35 36.84 -20.54 26.34
CA VAL C 35 36.38 -21.62 27.25
C VAL C 35 37.50 -22.62 27.13
N GLY C 36 37.90 -23.22 28.23
CA GLY C 36 39.02 -24.15 28.11
C GLY C 36 38.48 -25.45 27.59
N GLY C 37 39.25 -26.49 27.80
CA GLY C 37 38.77 -27.87 27.74
C GLY C 37 38.60 -28.32 26.31
N VAL C 38 37.97 -29.46 26.16
CA VAL C 38 37.87 -30.15 24.86
C VAL C 38 36.38 -30.23 24.59
N GLU C 39 35.93 -29.40 23.63
CA GLU C 39 34.54 -29.35 23.17
C GLU C 39 34.48 -28.66 21.81
N THR C 40 33.31 -28.64 21.19
CA THR C 40 33.08 -27.89 19.94
C THR C 40 33.22 -26.41 20.27
N LYS C 41 34.04 -25.66 19.52
CA LYS C 41 34.36 -24.26 19.89
C LYS C 41 34.02 -23.27 18.80
N ASN C 42 33.69 -23.71 17.59
CA ASN C 42 33.46 -22.76 16.47
C ASN C 42 32.29 -23.23 15.62
N TRP C 43 31.37 -22.33 15.32
CA TRP C 43 30.30 -22.61 14.34
C TRP C 43 29.65 -21.30 13.94
N THR C 44 28.83 -21.36 12.90
CA THR C 44 27.96 -20.22 12.51
C THR C 44 26.52 -20.70 12.61
N VAL C 45 25.67 -19.90 13.22
CA VAL C 45 24.25 -20.28 13.34
C VAL C 45 23.44 -19.15 12.75
N PRO C 46 22.59 -19.48 11.76
CA PRO C 46 21.71 -18.45 11.18
C PRO C 46 20.52 -18.24 12.11
N ARG C 47 20.20 -16.97 12.35
CA ARG C 47 19.03 -16.58 13.12
C ARG C 47 18.25 -15.50 12.38
N ARG C 48 16.92 -15.67 12.33
CA ARG C 48 15.95 -14.74 11.68
C ARG C 48 15.71 -13.57 12.60
N LEU C 49 15.32 -12.44 12.05
CA LEU C 49 14.97 -11.26 12.87
C LEU C 49 13.95 -11.72 13.91
N SER C 50 13.00 -12.57 13.52
CA SER C 50 11.94 -13.00 14.44
C SER C 50 12.55 -13.75 15.65
N GLU C 51 13.62 -14.53 15.46
CA GLU C 51 14.32 -15.25 16.56
C GLU C 51 15.04 -14.23 17.45
N PHE C 52 15.57 -13.13 16.90
CA PHE C 52 16.17 -12.10 17.79
C PHE C 52 15.09 -11.45 18.64
N GLN C 53 13.89 -11.28 18.09
CA GLN C 53 12.78 -10.59 18.77
C GLN C 53 12.23 -11.50 19.87
N ASN C 54 12.02 -12.77 19.59
CA ASN C 54 11.71 -13.79 20.62
C ASN C 54 12.76 -13.73 21.75
N LEU C 55 14.04 -13.79 21.40
CA LEU C 55 15.10 -13.75 22.41
C LEU C 55 14.97 -12.46 23.22
N HIS C 56 14.82 -11.35 22.58
CA HIS C 56 14.73 -10.04 23.27
C HIS C 56 13.59 -10.07 24.32
N ARG C 57 12.47 -10.68 23.96
CA ARG C 57 11.23 -10.72 24.79
C ARG C 57 11.53 -11.58 26.02
N LYS C 58 11.99 -12.81 25.83
CA LYS C 58 12.36 -13.76 26.92
C LYS C 58 13.40 -13.12 27.84
N LEU C 59 14.47 -12.55 27.31
CA LEU C 59 15.54 -12.03 28.19
C LEU C 59 15.03 -10.78 28.89
N SER C 60 14.02 -10.13 28.35
CA SER C 60 13.45 -8.87 28.92
C SER C 60 12.76 -9.17 30.28
N GLU C 61 12.26 -10.39 30.47
CA GLU C 61 11.79 -10.94 31.79
C GLU C 61 12.94 -10.89 32.81
N CYS C 62 13.98 -11.72 32.62
CA CYS C 62 15.22 -11.77 33.45
C CYS C 62 15.83 -10.37 33.69
N VAL C 63 15.91 -9.50 32.68
CA VAL C 63 16.63 -8.19 32.78
C VAL C 63 15.78 -7.10 32.15
N PRO C 64 14.88 -6.47 32.94
CA PRO C 64 13.89 -5.57 32.37
C PRO C 64 14.47 -4.29 31.73
N SER C 65 15.72 -3.91 31.98
CA SER C 65 16.35 -2.78 31.24
C SER C 65 16.40 -3.07 29.74
N LEU C 66 16.32 -4.34 29.30
CA LEU C 66 16.34 -4.70 27.86
C LEU C 66 15.08 -4.25 27.14
N LYS C 67 13.96 -4.04 27.87
CA LYS C 67 12.70 -3.48 27.31
C LYS C 67 12.99 -2.12 26.66
N LYS C 68 13.97 -1.36 27.16
CA LYS C 68 14.32 -0.01 26.61
C LYS C 68 15.12 -0.12 25.30
N VAL C 69 15.63 -1.29 24.94
CA VAL C 69 16.46 -1.45 23.70
C VAL C 69 15.50 -1.68 22.53
N GLN C 70 15.56 -0.84 21.49
CA GLN C 70 14.59 -0.93 20.36
C GLN C 70 15.29 -1.63 19.19
N LEU C 71 14.85 -2.83 18.84
CA LEU C 71 15.35 -3.68 17.74
C LEU C 71 14.43 -3.46 16.55
N PRO C 72 14.76 -3.85 15.31
CA PRO C 72 13.84 -3.63 14.20
C PRO C 72 12.49 -4.30 14.49
N SER C 73 11.37 -3.66 14.11
CA SER C 73 10.00 -4.11 14.46
C SER C 73 9.54 -5.24 13.53
N LEU C 74 9.01 -6.34 14.06
CA LEU C 74 8.37 -7.40 13.23
C LEU C 74 7.02 -6.93 12.66
N SER C 75 6.20 -6.23 13.47
CA SER C 75 4.85 -5.75 13.09
C SER C 75 4.97 -4.75 11.92
N LYS C 76 5.99 -3.88 11.91
CA LYS C 76 6.21 -2.85 10.85
C LYS C 76 6.99 -3.43 9.67
N LEU C 77 7.48 -4.65 9.78
CA LEU C 77 8.39 -5.24 8.77
C LEU C 77 7.74 -5.27 7.40
N PRO C 78 6.40 -5.54 7.28
CA PRO C 78 5.75 -5.55 5.95
C PRO C 78 5.76 -4.18 5.24
N PHE C 79 5.92 -3.08 5.98
CA PHE C 79 5.91 -1.69 5.45
C PHE C 79 7.32 -1.23 5.05
N LYS C 80 8.40 -2.00 5.32
CA LYS C 80 9.82 -1.67 5.00
C LYS C 80 10.25 -2.40 3.72
N SER C 81 11.00 -1.75 2.83
CA SER C 81 11.75 -2.51 1.77
C SER C 81 12.93 -3.17 2.45
N ILE C 82 13.00 -4.51 2.50
CA ILE C 82 14.24 -5.12 3.01
C ILE C 82 15.27 -4.97 1.90
N ASP C 83 16.19 -4.05 2.12
CA ASP C 83 17.22 -3.71 1.12
C ASP C 83 18.58 -3.71 1.81
N HIS C 84 19.65 -3.40 1.07
CA HIS C 84 21.04 -3.40 1.58
C HIS C 84 21.12 -2.50 2.83
N LYS C 85 20.51 -1.35 2.80
CA LYS C 85 20.68 -0.37 3.91
C LYS C 85 20.03 -0.98 5.17
N PHE C 86 18.84 -1.58 5.05
CA PHE C 86 18.14 -2.20 6.20
C PHE C 86 19.00 -3.35 6.75
N LEU C 87 19.56 -4.22 5.88
CA LEU C 87 20.35 -5.37 6.37
C LEU C 87 21.57 -4.85 7.13
N GLY C 88 22.21 -3.83 6.61
CA GLY C 88 23.43 -3.25 7.23
C GLY C 88 23.14 -2.61 8.58
N LYS C 89 22.07 -1.83 8.70
CA LYS C 89 21.71 -1.11 9.98
C LYS C 89 21.17 -2.12 10.98
N SER C 90 20.30 -3.03 10.53
CA SER C 90 19.74 -4.06 11.41
C SER C 90 20.89 -4.93 11.92
N ARG C 91 21.87 -5.25 11.07
CA ARG C 91 23.01 -6.11 11.45
C ARG C 91 23.78 -5.38 12.54
N ASN C 92 24.06 -4.07 12.40
CA ASN C 92 24.82 -3.35 13.44
C ASN C 92 24.03 -3.33 14.75
N GLN C 93 22.71 -3.08 14.67
CA GLN C 93 21.87 -3.03 15.89
C GLN C 93 21.84 -4.40 16.56
N LEU C 94 21.66 -5.48 15.79
CA LEU C 94 21.53 -6.83 16.41
C LEU C 94 22.88 -7.26 16.93
N ASN C 95 23.93 -6.80 16.29
CA ASN C 95 25.30 -7.17 16.71
C ASN C 95 25.63 -6.49 18.04
N ALA C 96 25.36 -5.20 18.15
CA ALA C 96 25.50 -4.42 19.42
C ALA C 96 24.66 -5.07 20.53
N PHE C 97 23.43 -5.46 20.21
CA PHE C 97 22.53 -6.19 21.14
C PHE C 97 23.23 -7.45 21.66
N LEU C 98 23.80 -8.28 20.76
CA LEU C 98 24.50 -9.53 21.20
C LEU C 98 25.68 -9.17 22.13
N GLN C 99 26.46 -8.14 21.79
CA GLN C 99 27.65 -7.75 22.59
C GLN C 99 27.16 -7.35 24.00
N ASN C 100 26.05 -6.60 24.09
CA ASN C 100 25.48 -6.13 25.37
C ASN C 100 25.02 -7.34 26.18
N LEU C 101 24.34 -8.30 25.56
CA LEU C 101 23.91 -9.49 26.31
C LEU C 101 25.14 -10.20 26.87
N LEU C 102 26.17 -10.40 26.05
CA LEU C 102 27.25 -11.36 26.43
C LEU C 102 28.19 -10.68 27.45
N SER C 103 28.10 -9.37 27.65
CA SER C 103 28.90 -8.63 28.66
C SER C 103 28.10 -8.47 29.98
N ASP C 104 26.91 -9.06 30.08
CA ASP C 104 25.97 -8.86 31.21
C ASP C 104 25.91 -10.15 32.00
N GLU C 105 26.54 -10.11 33.19
CA GLU C 105 26.72 -11.28 34.11
C GLU C 105 25.37 -11.93 34.41
N ARG C 106 24.26 -11.18 34.39
CA ARG C 106 22.94 -11.78 34.74
C ARG C 106 22.61 -12.86 33.70
N LEU C 107 23.21 -12.82 32.50
CA LEU C 107 22.78 -13.72 31.41
C LEU C 107 23.73 -14.90 31.26
N PHE C 108 24.82 -14.98 32.05
CA PHE C 108 25.91 -15.94 31.78
C PHE C 108 25.41 -17.35 31.98
N GLN C 109 24.23 -17.54 32.56
CA GLN C 109 23.68 -18.93 32.61
C GLN C 109 22.28 -18.97 31.97
N SER C 110 21.91 -17.94 31.17
CA SER C 110 20.62 -17.86 30.42
C SER C 110 20.45 -19.04 29.48
N GLU C 111 19.53 -19.94 29.79
CA GLU C 111 19.19 -21.09 28.91
C GLU C 111 18.72 -20.61 27.51
N ALA C 112 18.07 -19.45 27.43
CA ALA C 112 17.52 -18.93 26.16
C ALA C 112 18.69 -18.42 25.30
N LEU C 113 19.61 -17.63 25.87
CA LEU C 113 20.81 -17.15 25.17
C LEU C 113 21.66 -18.33 24.71
N TYR C 114 21.78 -19.33 25.54
CA TYR C 114 22.57 -20.52 25.20
C TYR C 114 21.94 -21.18 23.98
N ALA C 115 20.63 -21.37 23.98
CA ALA C 115 19.93 -22.12 22.88
C ALA C 115 20.02 -21.28 21.59
N PHE C 116 19.92 -19.95 21.68
CA PHE C 116 20.02 -19.06 20.52
C PHE C 116 21.41 -19.08 19.88
N LEU C 117 22.50 -19.12 20.68
CA LEU C 117 23.89 -19.05 20.18
C LEU C 117 24.39 -20.43 19.82
N SER C 118 23.64 -21.46 20.13
CA SER C 118 23.99 -22.87 19.84
C SER C 118 23.65 -23.20 18.39
N PRO C 119 24.29 -24.23 17.82
CA PRO C 119 23.99 -24.70 16.49
C PRO C 119 22.50 -25.01 16.31
N SER C 120 21.99 -24.76 15.12
CA SER C 120 20.62 -25.06 14.64
C SER C 120 20.70 -26.20 13.64
N LEU C 121 20.15 -27.36 14.01
CA LEU C 121 20.00 -28.57 13.16
C LEU C 121 18.49 -28.86 13.05
N GLU C 122 18.01 -29.97 13.65
CA GLU C 122 16.59 -30.30 14.03
C GLU C 122 16.47 -31.81 14.34
N MET D 1 -40.44 27.30 -17.76
CA MET D 1 -40.37 26.46 -18.99
C MET D 1 -40.11 25.00 -18.58
N ASN D 2 -40.60 24.03 -19.34
CA ASN D 2 -40.20 22.61 -19.15
C ASN D 2 -40.16 21.94 -20.52
N LEU D 3 -38.97 21.90 -21.10
CA LEU D 3 -38.73 21.37 -22.45
C LEU D 3 -38.91 19.87 -22.42
N GLY D 4 -39.01 19.27 -21.23
CA GLY D 4 -39.26 17.80 -21.20
C GLY D 4 -40.63 17.45 -21.80
N LEU D 5 -41.57 18.38 -21.85
CA LEU D 5 -42.89 18.15 -22.50
C LEU D 5 -42.91 18.54 -24.01
N TRP D 6 -41.83 19.12 -24.53
CA TRP D 6 -41.71 19.50 -25.95
C TRP D 6 -41.31 18.27 -26.75
N ARG D 7 -41.91 18.08 -27.92
CA ARG D 7 -41.48 17.03 -28.87
C ARG D 7 -41.02 17.70 -30.15
N ALA D 8 -40.01 17.13 -30.76
CA ALA D 8 -39.35 17.72 -31.93
C ALA D 8 -38.91 16.58 -32.82
N SER D 9 -38.90 16.81 -34.11
CA SER D 9 -38.55 15.77 -35.09
C SER D 9 -38.17 16.51 -36.37
N ILE D 10 -37.10 16.09 -37.00
CA ILE D 10 -36.68 16.71 -38.28
C ILE D 10 -37.50 16.06 -39.39
N THR D 11 -38.30 16.81 -40.13
CA THR D 11 -39.22 16.21 -41.12
C THR D 11 -38.62 16.27 -42.51
N SER D 12 -37.62 17.09 -42.76
CA SER D 12 -36.95 17.14 -44.06
C SER D 12 -35.67 17.97 -43.92
N ALA D 13 -34.83 17.89 -44.94
CA ALA D 13 -33.57 18.63 -45.06
C ALA D 13 -33.40 19.09 -46.50
N GLU D 14 -32.75 20.22 -46.67
CA GLU D 14 -32.36 20.74 -47.97
C GLU D 14 -31.01 21.47 -47.79
N VAL D 15 -30.44 22.09 -48.82
CA VAL D 15 -29.33 23.03 -48.62
C VAL D 15 -29.81 24.44 -48.95
N THR D 16 -29.13 25.41 -48.37
CA THR D 16 -29.35 26.86 -48.49
C THR D 16 -27.95 27.46 -48.65
N GLU D 17 -27.84 28.76 -48.88
CA GLU D 17 -26.54 29.49 -48.94
C GLU D 17 -26.33 30.30 -47.65
N GLU D 18 -25.56 29.77 -46.70
CA GLU D 18 -25.00 30.55 -45.57
C GLU D 18 -23.62 31.07 -46.04
N ASN D 19 -23.42 32.40 -45.96
CA ASN D 19 -22.27 33.12 -46.59
C ASN D 19 -22.16 32.65 -48.05
N GLY D 20 -21.03 32.05 -48.44
CA GLY D 20 -20.75 31.68 -49.83
C GLY D 20 -21.03 30.23 -50.15
N GLU D 21 -21.08 29.35 -49.13
CA GLU D 21 -21.03 27.87 -49.33
C GLU D 21 -22.40 27.21 -49.11
N GLN D 22 -22.52 25.96 -49.54
CA GLN D 22 -23.75 25.14 -49.42
C GLN D 22 -23.84 24.73 -47.94
N MET D 23 -24.98 25.01 -47.28
CA MET D 23 -25.22 24.71 -45.84
C MET D 23 -26.45 23.83 -45.71
N PRO D 24 -26.35 22.60 -45.22
CA PRO D 24 -27.51 21.79 -44.91
C PRO D 24 -28.43 22.56 -43.93
N CYS D 25 -29.74 22.47 -44.17
CA CYS D 25 -30.82 23.11 -43.40
C CYS D 25 -31.84 22.05 -43.06
N TYR D 26 -32.22 21.91 -41.78
CA TYR D 26 -33.10 20.82 -41.31
C TYR D 26 -34.37 21.47 -40.77
N PHE D 27 -35.51 20.91 -41.14
CA PHE D 27 -36.86 21.41 -40.78
C PHE D 27 -37.31 20.66 -39.56
N VAL D 28 -37.35 21.39 -38.44
CA VAL D 28 -37.62 20.78 -37.11
C VAL D 28 -39.07 21.07 -36.78
N ARG D 29 -39.87 20.04 -36.74
CA ARG D 29 -41.28 20.12 -36.37
C ARG D 29 -41.34 19.98 -34.85
N VAL D 30 -41.96 20.96 -34.21
CA VAL D 30 -42.02 21.05 -32.74
C VAL D 30 -43.49 21.02 -32.33
N ASN D 31 -43.77 20.26 -31.29
CA ASN D 31 -45.12 19.99 -30.81
C ASN D 31 -45.16 20.14 -29.29
N LEU D 32 -46.00 21.05 -28.76
CA LEU D 32 -46.12 21.20 -27.29
C LEU D 32 -47.49 20.68 -26.82
N GLN D 33 -48.11 19.74 -27.51
CA GLN D 33 -49.47 19.26 -27.13
C GLN D 33 -49.40 18.79 -25.66
N GLU D 34 -48.27 18.23 -25.22
CA GLU D 34 -48.20 17.61 -23.88
C GLU D 34 -48.16 18.71 -22.85
N VAL D 35 -47.94 19.95 -23.28
CA VAL D 35 -47.97 21.11 -22.34
C VAL D 35 -49.45 21.43 -22.31
N GLY D 36 -49.99 21.72 -21.15
CA GLY D 36 -51.42 22.04 -21.15
C GLY D 36 -51.54 23.50 -21.55
N GLY D 37 -52.65 24.09 -21.18
CA GLY D 37 -52.85 25.54 -21.23
C GLY D 37 -53.08 26.03 -22.64
N VAL D 38 -53.09 27.33 -22.77
CA VAL D 38 -53.55 28.02 -24.00
C VAL D 38 -52.34 28.81 -24.48
N GLU D 39 -51.74 28.34 -25.57
CA GLU D 39 -50.52 28.90 -26.18
C GLU D 39 -50.32 28.29 -27.56
N THR D 40 -49.41 28.83 -28.32
CA THR D 40 -48.95 28.24 -29.59
C THR D 40 -48.33 26.88 -29.32
N LYS D 41 -48.77 25.82 -30.01
CA LYS D 41 -48.36 24.45 -29.70
C LYS D 41 -47.70 23.75 -30.88
N ASN D 42 -47.72 24.32 -32.09
CA ASN D 42 -47.19 23.61 -33.27
C ASN D 42 -46.51 24.60 -34.20
N TRP D 43 -45.34 24.24 -34.70
CA TRP D 43 -44.66 25.03 -35.75
C TRP D 43 -43.52 24.18 -36.28
N THR D 44 -42.90 24.65 -37.36
CA THR D 44 -41.68 24.09 -37.92
C THR D 44 -40.64 25.19 -37.94
N VAL D 45 -39.43 24.88 -37.49
CA VAL D 45 -38.35 25.92 -37.51
C VAL D 45 -37.17 25.30 -38.26
N PRO D 46 -36.70 25.98 -39.31
CA PRO D 46 -35.53 25.52 -40.03
C PRO D 46 -34.28 25.90 -39.24
N ARG D 47 -33.38 24.95 -39.11
CA ARG D 47 -32.07 25.20 -38.51
C ARG D 47 -30.98 24.63 -39.42
N ARG D 48 -29.93 25.43 -39.62
CA ARG D 48 -28.71 25.06 -40.40
C ARG D 48 -27.85 24.09 -39.58
N LEU D 49 -27.09 23.23 -40.24
CA LEU D 49 -26.11 22.34 -39.59
C LEU D 49 -25.28 23.19 -38.62
N SER D 50 -24.90 24.39 -39.04
CA SER D 50 -24.02 25.24 -38.22
C SER D 50 -24.76 25.62 -36.90
N GLU D 51 -26.08 25.82 -36.92
CA GLU D 51 -26.88 26.10 -35.69
C GLU D 51 -26.95 24.86 -34.81
N PHE D 52 -26.99 23.64 -35.37
CA PHE D 52 -26.92 22.46 -34.49
C PHE D 52 -25.54 22.35 -33.82
N GLN D 53 -24.50 22.77 -34.53
CA GLN D 53 -23.09 22.63 -34.09
C GLN D 53 -22.85 23.66 -32.99
N ASN D 54 -23.27 24.90 -33.19
CA ASN D 54 -23.32 25.96 -32.16
C ASN D 54 -24.05 25.42 -30.92
N LEU D 55 -25.26 24.88 -31.09
CA LEU D 55 -26.05 24.39 -29.95
C LEU D 55 -25.24 23.31 -29.25
N HIS D 56 -24.66 22.38 -29.98
CA HIS D 56 -23.90 21.26 -29.37
C HIS D 56 -22.79 21.82 -28.46
N ARG D 57 -22.11 22.86 -28.92
CA ARG D 57 -20.91 23.44 -28.27
C ARG D 57 -21.39 24.09 -26.96
N LYS D 58 -22.38 24.99 -27.04
CA LYS D 58 -22.97 25.65 -25.85
C LYS D 58 -23.51 24.62 -24.86
N LEU D 59 -24.28 23.63 -25.28
CA LEU D 59 -24.88 22.67 -24.33
C LEU D 59 -23.78 21.81 -23.75
N SER D 60 -22.65 21.69 -24.42
CA SER D 60 -21.50 20.86 -23.97
C SER D 60 -20.87 21.44 -22.69
N GLU D 61 -20.93 22.77 -22.51
CA GLU D 61 -20.63 23.48 -21.22
C GLU D 61 -21.54 22.93 -20.08
N CYS D 62 -22.84 23.18 -20.13
CA CYS D 62 -23.88 22.70 -19.18
C CYS D 62 -23.79 21.19 -18.91
N VAL D 63 -23.56 20.36 -19.91
CA VAL D 63 -23.59 18.87 -19.77
C VAL D 63 -22.40 18.29 -20.53
N PRO D 64 -21.24 18.12 -19.85
CA PRO D 64 -20.00 17.77 -20.55
C PRO D 64 -20.00 16.38 -21.20
N SER D 65 -20.91 15.47 -20.85
CA SER D 65 -21.02 14.17 -21.57
C SER D 65 -21.35 14.38 -23.05
N LEU D 66 -21.92 15.54 -23.42
CA LEU D 66 -22.30 15.80 -24.85
C LEU D 66 -21.04 16.01 -25.71
N LYS D 67 -19.89 16.38 -25.10
CA LYS D 67 -18.58 16.49 -25.80
C LYS D 67 -18.24 15.15 -26.48
N LYS D 68 -18.69 14.01 -25.95
CA LYS D 68 -18.45 12.66 -26.54
C LYS D 68 -19.30 12.42 -27.81
N VAL D 69 -20.32 13.22 -28.08
CA VAL D 69 -21.22 13.01 -29.24
C VAL D 69 -20.57 13.69 -30.45
N GLN D 70 -20.41 12.93 -31.53
CA GLN D 70 -19.93 13.47 -32.83
C GLN D 70 -21.15 13.80 -33.71
N LEU D 71 -21.30 15.04 -34.10
CA LEU D 71 -22.36 15.52 -35.02
C LEU D 71 -21.84 15.50 -36.46
N PRO D 72 -22.69 15.45 -37.48
CA PRO D 72 -22.21 15.49 -38.84
C PRO D 72 -21.35 16.74 -39.08
N SER D 73 -20.40 16.62 -40.01
CA SER D 73 -19.46 17.70 -40.38
C SER D 73 -19.27 17.77 -41.90
N LEU D 74 -19.14 18.96 -42.47
CA LEU D 74 -18.76 19.13 -43.90
C LEU D 74 -17.26 18.83 -44.14
N SER D 75 -16.37 19.15 -43.18
CA SER D 75 -14.89 19.23 -43.33
C SER D 75 -14.27 17.94 -43.90
N PHE D 79 -16.03 15.03 -51.33
CA PHE D 79 -14.97 15.75 -50.57
C PHE D 79 -15.50 17.17 -50.26
N LYS D 80 -15.84 17.92 -51.32
CA LYS D 80 -16.35 19.33 -51.22
C LYS D 80 -17.87 19.41 -51.46
N SER D 81 -18.65 18.31 -51.41
CA SER D 81 -20.03 18.30 -52.01
C SER D 81 -21.07 17.52 -51.18
N ILE D 82 -22.07 18.26 -50.73
CA ILE D 82 -23.24 17.68 -50.02
C ILE D 82 -24.07 16.88 -51.02
N ASP D 83 -24.47 15.67 -50.71
CA ASP D 83 -25.41 14.93 -51.57
C ASP D 83 -26.59 14.39 -50.74
N HIS D 84 -27.54 13.72 -51.40
CA HIS D 84 -28.74 13.12 -50.79
C HIS D 84 -28.31 12.19 -49.67
N LYS D 85 -27.26 11.42 -49.83
CA LYS D 85 -26.90 10.38 -48.81
C LYS D 85 -26.52 11.11 -47.52
N PHE D 86 -25.72 12.18 -47.64
CA PHE D 86 -25.28 12.95 -46.46
C PHE D 86 -26.50 13.61 -45.79
N LEU D 87 -27.42 14.20 -46.55
CA LEU D 87 -28.60 14.86 -45.95
C LEU D 87 -29.42 13.84 -45.17
N GLY D 88 -29.60 12.65 -45.73
CA GLY D 88 -30.42 11.60 -45.08
C GLY D 88 -29.79 11.10 -43.79
N LYS D 89 -28.48 10.84 -43.79
CA LYS D 89 -27.75 10.28 -42.62
C LYS D 89 -27.61 11.40 -41.56
N SER D 90 -27.21 12.59 -41.99
CA SER D 90 -27.07 13.75 -41.08
C SER D 90 -28.43 14.01 -40.41
N ARG D 91 -29.54 13.88 -41.15
CA ARG D 91 -30.88 14.10 -40.58
C ARG D 91 -31.13 13.10 -39.46
N ASN D 92 -30.84 11.83 -39.68
CA ASN D 92 -31.08 10.79 -38.64
C ASN D 92 -30.22 11.07 -37.42
N GLN D 93 -28.97 11.46 -37.64
CA GLN D 93 -28.00 11.73 -36.55
C GLN D 93 -28.48 12.95 -35.75
N LEU D 94 -28.88 14.02 -36.42
CA LEU D 94 -29.32 15.26 -35.73
C LEU D 94 -30.65 15.00 -35.02
N ASN D 95 -31.45 14.12 -35.58
CA ASN D 95 -32.76 13.78 -35.00
C ASN D 95 -32.56 13.01 -33.68
N ALA D 96 -31.68 12.01 -33.70
CA ALA D 96 -31.30 11.23 -32.50
C ALA D 96 -30.71 12.16 -31.41
N PHE D 97 -29.86 13.07 -31.83
CA PHE D 97 -29.29 14.13 -30.96
C PHE D 97 -30.44 14.91 -30.27
N LEU D 98 -31.44 15.39 -31.04
CA LEU D 98 -32.57 16.15 -30.43
C LEU D 98 -33.30 15.28 -29.43
N GLN D 99 -33.55 14.01 -29.75
CA GLN D 99 -34.31 13.11 -28.83
C GLN D 99 -33.51 12.99 -27.51
N ASN D 100 -32.19 12.85 -27.61
CA ASN D 100 -31.32 12.69 -26.42
C ASN D 100 -31.37 13.97 -25.58
N LEU D 101 -31.30 15.14 -26.21
CA LEU D 101 -31.37 16.39 -25.44
C LEU D 101 -32.73 16.43 -24.70
N LEU D 102 -33.82 16.10 -25.39
CA LEU D 102 -35.16 16.38 -24.83
C LEU D 102 -35.53 15.36 -23.76
N SER D 103 -34.77 14.27 -23.66
CA SER D 103 -34.96 13.26 -22.58
C SER D 103 -34.03 13.52 -21.37
N ASP D 104 -33.28 14.62 -21.37
CA ASP D 104 -32.23 14.91 -20.37
C ASP D 104 -32.72 16.05 -19.49
N GLU D 105 -33.10 15.71 -18.26
CA GLU D 105 -33.69 16.61 -17.25
C GLU D 105 -32.79 17.85 -17.03
N ARG D 106 -31.48 17.71 -17.21
CA ARG D 106 -30.57 18.88 -17.02
C ARG D 106 -30.90 19.96 -18.05
N LEU D 107 -31.56 19.62 -19.17
CA LEU D 107 -31.78 20.59 -20.26
C LEU D 107 -33.20 21.16 -20.23
N PHE D 108 -34.06 20.71 -19.32
CA PHE D 108 -35.51 21.05 -19.37
C PHE D 108 -35.68 22.54 -19.14
N GLN D 109 -34.64 23.24 -18.69
CA GLN D 109 -34.76 24.73 -18.55
C GLN D 109 -33.66 25.41 -19.34
N SER D 110 -33.04 24.71 -20.30
CA SER D 110 -32.00 25.28 -21.20
C SER D 110 -32.58 26.38 -22.04
N GLU D 111 -32.18 27.62 -21.77
CA GLU D 111 -32.54 28.81 -22.59
C GLU D 111 -32.04 28.61 -24.04
N ALA D 112 -30.92 27.92 -24.27
CA ALA D 112 -30.31 27.77 -25.60
C ALA D 112 -31.17 26.76 -26.40
N LEU D 113 -31.52 25.62 -25.79
CA LEU D 113 -32.41 24.61 -26.41
C LEU D 113 -33.77 25.25 -26.70
N TYR D 114 -34.28 26.04 -25.78
CA TYR D 114 -35.58 26.70 -25.96
C TYR D 114 -35.50 27.60 -27.19
N ALA D 115 -34.44 28.41 -27.31
CA ALA D 115 -34.34 29.42 -28.39
C ALA D 115 -34.17 28.67 -29.72
N PHE D 116 -33.42 27.57 -29.74
CA PHE D 116 -33.22 26.72 -30.92
C PHE D 116 -34.53 26.08 -31.42
N LEU D 117 -35.39 25.57 -30.53
CA LEU D 117 -36.64 24.87 -30.86
C LEU D 117 -37.78 25.86 -31.09
N SER D 118 -37.56 27.13 -30.82
CA SER D 118 -38.57 28.20 -30.96
C SER D 118 -38.62 28.65 -32.41
N PRO D 119 -39.75 29.27 -32.81
CA PRO D 119 -39.88 29.83 -34.14
C PRO D 119 -38.76 30.82 -34.48
N SER D 120 -38.33 30.83 -35.74
CA SER D 120 -37.35 31.75 -36.33
C SER D 120 -38.06 32.67 -37.32
N LEU D 121 -38.15 33.96 -37.00
CA LEU D 121 -38.75 35.05 -37.83
C LEU D 121 -37.69 36.12 -38.15
N MET E 1 15.50 -35.77 9.81
CA MET E 1 16.96 -35.97 9.84
C MET E 1 17.32 -36.98 8.74
N ASN E 2 18.45 -36.80 8.10
CA ASN E 2 18.97 -37.81 7.15
C ASN E 2 20.50 -37.75 7.22
N LEU E 3 21.05 -38.65 8.03
CA LEU E 3 22.49 -38.67 8.32
C LEU E 3 23.22 -39.14 7.07
N GLY E 4 22.50 -39.66 6.09
CA GLY E 4 23.19 -40.06 4.84
C GLY E 4 23.78 -38.86 4.10
N LEU E 5 23.30 -37.64 4.37
CA LEU E 5 23.87 -36.41 3.79
C LEU E 5 24.97 -35.79 4.67
N TRP E 6 25.21 -36.32 5.88
CA TRP E 6 26.26 -35.84 6.82
C TRP E 6 27.57 -36.45 6.38
N ARG E 7 28.61 -35.64 6.32
CA ARG E 7 29.98 -36.15 6.08
C ARG E 7 30.82 -35.88 7.32
N ALA E 8 31.67 -36.82 7.66
CA ALA E 8 32.44 -36.78 8.91
C ALA E 8 33.78 -37.38 8.61
N SER E 9 34.81 -36.84 9.24
CA SER E 9 36.17 -37.32 9.04
C SER E 9 36.96 -36.92 10.31
N ILE E 10 37.83 -37.77 10.78
CA ILE E 10 38.68 -37.49 11.95
C ILE E 10 39.88 -36.69 11.47
N THR E 11 40.08 -35.47 11.94
CA THR E 11 41.15 -34.60 11.42
C THR E 11 42.38 -34.68 12.31
N SER E 12 42.26 -35.13 13.53
CA SER E 12 43.42 -35.26 14.44
C SER E 12 43.01 -36.07 15.65
N ALA E 13 43.99 -36.51 16.41
CA ALA E 13 43.80 -37.26 17.67
C ALA E 13 44.81 -36.77 18.69
N GLU E 14 44.43 -36.82 19.94
CA GLU E 14 45.34 -36.50 21.05
C GLU E 14 44.95 -37.41 22.22
N VAL E 15 45.74 -37.38 23.29
CA VAL E 15 45.43 -38.16 24.52
C VAL E 15 45.08 -37.16 25.62
N THR E 16 44.08 -37.47 26.42
CA THR E 16 43.46 -36.59 27.45
C THR E 16 43.31 -37.48 28.69
N GLU E 17 42.89 -36.93 29.84
CA GLU E 17 42.72 -37.72 31.10
C GLU E 17 41.23 -37.83 31.42
N GLU E 18 40.55 -38.88 30.93
CA GLU E 18 39.17 -39.24 31.34
C GLU E 18 39.34 -40.21 32.54
N ASN E 19 38.67 -39.90 33.66
CA ASN E 19 38.84 -40.62 34.96
C ASN E 19 40.34 -40.70 35.26
N GLY E 20 40.85 -41.91 35.45
CA GLY E 20 42.26 -42.14 35.79
C GLY E 20 42.96 -42.99 34.74
N GLU E 21 42.55 -42.95 33.47
CA GLU E 21 43.35 -43.53 32.34
C GLU E 21 43.74 -42.40 31.37
N GLN E 22 44.78 -42.64 30.58
CA GLN E 22 45.05 -41.95 29.30
C GLN E 22 43.92 -42.39 28.33
N MET E 23 43.18 -41.44 27.74
CA MET E 23 42.02 -41.70 26.84
C MET E 23 42.29 -41.04 25.49
N PRO E 24 42.41 -41.82 24.39
CA PRO E 24 42.48 -41.19 23.06
C PRO E 24 41.19 -40.38 22.82
N CYS E 25 41.37 -39.19 22.23
CA CYS E 25 40.29 -38.24 21.86
C CYS E 25 40.46 -37.90 20.37
N TYR E 26 39.41 -38.08 19.59
CA TYR E 26 39.49 -37.94 18.10
C TYR E 26 38.60 -36.76 17.71
N PHE E 27 39.15 -35.89 16.88
CA PHE E 27 38.47 -34.65 16.43
C PHE E 27 37.73 -34.97 15.13
N VAL E 28 36.40 -35.00 15.23
CA VAL E 28 35.52 -35.40 14.10
C VAL E 28 35.00 -34.13 13.45
N ARG E 29 35.46 -33.87 12.24
CA ARG E 29 34.96 -32.73 11.43
C ARG E 29 33.69 -33.21 10.71
N VAL E 30 32.62 -32.49 10.92
CA VAL E 30 31.28 -32.81 10.39
C VAL E 30 30.86 -31.71 9.44
N ASN E 31 30.36 -32.13 8.30
CA ASN E 31 29.94 -31.23 7.20
C ASN E 31 28.53 -31.62 6.71
N LEU E 32 27.58 -30.71 6.77
CA LEU E 32 26.21 -30.96 6.23
C LEU E 32 26.00 -30.10 4.96
N GLN E 33 27.03 -29.70 4.23
CA GLN E 33 26.87 -28.89 2.99
C GLN E 33 25.83 -29.58 2.07
N GLU E 34 25.79 -30.91 2.05
CA GLU E 34 24.92 -31.66 1.14
C GLU E 34 23.48 -31.49 1.58
N VAL E 35 23.25 -30.99 2.79
CA VAL E 35 21.87 -30.71 3.29
C VAL E 35 21.64 -29.31 2.75
N GLY E 36 20.49 -29.04 2.25
CA GLY E 36 20.27 -27.66 1.77
C GLY E 36 19.88 -26.85 2.96
N GLY E 37 19.10 -25.81 2.73
CA GLY E 37 18.42 -25.03 3.77
C GLY E 37 19.39 -24.09 4.43
N VAL E 38 18.88 -23.44 5.48
CA VAL E 38 19.64 -22.47 6.27
C VAL E 38 19.70 -23.06 7.66
N GLU E 39 20.89 -23.54 8.04
CA GLU E 39 21.18 -24.16 9.35
C GLU E 39 22.72 -24.22 9.55
N THR E 40 23.17 -24.59 10.74
CA THR E 40 24.62 -24.77 10.99
C THR E 40 25.08 -25.98 10.17
N LYS E 41 26.16 -25.87 9.39
CA LYS E 41 26.60 -26.91 8.44
C LYS E 41 28.01 -27.42 8.70
N ASN E 42 28.78 -26.78 9.57
CA ASN E 42 30.18 -27.21 9.81
C ASN E 42 30.52 -27.08 11.28
N TRP E 43 31.16 -28.10 11.84
CA TRP E 43 31.75 -28.03 13.19
C TRP E 43 32.70 -29.18 13.37
N THR E 44 33.48 -29.14 14.45
CA THR E 44 34.33 -30.27 14.87
C THR E 44 33.85 -30.71 16.24
N VAL E 45 33.68 -31.99 16.44
CA VAL E 45 33.29 -32.51 17.77
C VAL E 45 34.33 -33.53 18.21
N PRO E 46 34.93 -33.31 19.38
CA PRO E 46 35.86 -34.29 19.95
C PRO E 46 35.08 -35.44 20.57
N ARG E 47 35.53 -36.64 20.28
CA ARG E 47 34.96 -37.87 20.87
C ARG E 47 36.09 -38.79 21.33
N ARG E 48 35.95 -39.31 22.55
CA ARG E 48 36.91 -40.22 23.20
C ARG E 48 36.71 -41.61 22.59
N LEU E 49 37.75 -42.44 22.60
CA LEU E 49 37.62 -43.85 22.23
C LEU E 49 36.41 -44.46 22.90
N SER E 50 36.20 -44.16 24.18
CA SER E 50 35.11 -44.80 24.94
C SER E 50 33.76 -44.41 24.31
N GLU E 51 33.59 -43.19 23.80
CA GLU E 51 32.35 -42.72 23.14
C GLU E 51 32.17 -43.48 21.81
N PHE E 52 33.23 -43.79 21.08
CA PHE E 52 33.06 -44.62 19.86
C PHE E 52 32.60 -46.03 20.23
N GLN E 53 33.08 -46.56 21.35
CA GLN E 53 32.82 -47.95 21.80
C GLN E 53 31.36 -48.03 22.26
N ASN E 54 30.93 -47.09 23.08
CA ASN E 54 29.50 -46.92 23.45
C ASN E 54 28.65 -46.87 22.17
N LEU E 55 28.99 -45.99 21.23
CA LEU E 55 28.19 -45.86 20.00
C LEU E 55 28.15 -47.22 19.29
N HIS E 56 29.29 -47.89 19.13
CA HIS E 56 29.33 -49.21 18.45
C HIS E 56 28.32 -50.19 19.09
N ARG E 57 28.22 -50.19 20.41
CA ARG E 57 27.40 -51.14 21.19
C ARG E 57 25.92 -50.81 20.93
N LYS E 58 25.51 -49.56 21.11
CA LYS E 58 24.12 -49.09 20.82
C LYS E 58 23.75 -49.39 19.37
N LEU E 59 24.57 -49.05 18.39
CA LEU E 59 24.21 -49.25 16.97
C LEU E 59 24.19 -50.76 16.68
N SER E 60 24.88 -51.57 17.46
CA SER E 60 24.97 -53.04 17.28
C SER E 60 23.59 -53.69 17.52
N GLU E 61 22.75 -53.09 18.37
CA GLU E 61 21.30 -53.43 18.53
C GLU E 61 20.56 -53.25 17.19
N CYS E 62 20.43 -52.01 16.71
CA CYS E 62 19.83 -51.64 15.40
C CYS E 62 20.39 -52.49 14.22
N VAL E 63 21.69 -52.75 14.15
CA VAL E 63 22.34 -53.43 12.99
C VAL E 63 23.31 -54.48 13.51
N PRO E 64 22.85 -55.72 13.73
CA PRO E 64 23.64 -56.71 14.46
C PRO E 64 24.93 -57.15 13.76
N SER E 65 25.06 -56.95 12.45
CA SER E 65 26.32 -57.24 11.72
C SER E 65 27.48 -56.38 12.27
N LEU E 66 27.21 -55.27 12.96
CA LEU E 66 28.27 -54.41 13.54
C LEU E 66 28.98 -55.11 14.71
N LYS E 67 28.36 -56.11 15.35
CA LYS E 67 29.00 -56.94 16.41
C LYS E 67 30.27 -57.60 15.85
N LYS E 68 30.34 -57.88 14.55
CA LYS E 68 31.53 -58.50 13.89
C LYS E 68 32.69 -57.51 13.73
N VAL E 69 32.46 -56.20 13.88
CA VAL E 69 33.53 -55.17 13.68
C VAL E 69 34.30 -55.03 15.00
N GLN E 70 35.62 -55.18 14.95
CA GLN E 70 36.52 -54.93 16.10
C GLN E 70 37.02 -53.47 16.05
N LEU E 71 36.71 -52.68 17.07
CA LEU E 71 37.23 -51.29 17.23
C LEU E 71 38.53 -51.31 18.03
N PRO E 72 39.40 -50.29 17.92
CA PRO E 72 40.61 -50.27 18.73
C PRO E 72 40.29 -50.38 20.22
N SER E 73 41.24 -50.90 20.99
CA SER E 73 41.09 -51.16 22.45
C SER E 73 42.39 -50.81 23.21
N LEU E 74 42.33 -50.28 24.41
CA LEU E 74 43.55 -50.12 25.28
C LEU E 74 43.91 -51.50 25.88
N SER E 75 45.14 -52.00 25.64
CA SER E 75 45.50 -53.45 25.68
C SER E 75 45.26 -54.06 27.07
N LYS E 76 45.52 -53.30 28.14
CA LYS E 76 45.36 -53.65 29.59
C LYS E 76 46.60 -54.38 30.15
N LEU E 77 47.40 -55.13 29.38
CA LEU E 77 48.72 -55.72 29.82
C LEU E 77 49.65 -54.65 30.38
N PRO E 78 50.70 -54.96 31.18
CA PRO E 78 51.60 -53.95 31.74
C PRO E 78 52.37 -53.20 30.63
N PHE E 79 52.73 -51.93 30.86
CA PHE E 79 53.39 -51.06 29.84
C PHE E 79 52.34 -50.84 28.73
N LYS E 80 51.23 -50.25 29.23
CA LYS E 80 49.96 -49.95 28.50
C LYS E 80 49.92 -48.46 28.12
N SER E 81 50.96 -48.00 27.44
CA SER E 81 51.13 -46.58 27.06
C SER E 81 50.47 -46.43 25.71
N ILE E 82 49.60 -45.44 25.52
CA ILE E 82 49.22 -45.00 24.14
C ILE E 82 50.43 -44.37 23.48
N ASP E 83 50.74 -44.78 22.27
CA ASP E 83 51.85 -44.15 21.52
C ASP E 83 51.34 -43.65 20.15
N HIS E 84 52.21 -42.97 19.44
CA HIS E 84 51.97 -42.40 18.08
C HIS E 84 51.38 -43.50 17.18
N LYS E 85 51.93 -44.70 17.21
CA LYS E 85 51.50 -45.75 16.27
C LYS E 85 50.03 -46.07 16.54
N PHE E 86 49.66 -46.23 17.80
CA PHE E 86 48.27 -46.57 18.19
C PHE E 86 47.33 -45.42 17.80
N LEU E 87 47.70 -44.15 18.05
CA LEU E 87 46.82 -43.02 17.69
C LEU E 87 46.57 -43.03 16.18
N GLY E 88 47.62 -43.27 15.39
CA GLY E 88 47.53 -43.23 13.92
C GLY E 88 46.63 -44.33 13.39
N LYS E 89 46.79 -45.56 13.87
CA LYS E 89 46.03 -46.73 13.39
C LYS E 89 44.60 -46.64 13.94
N SER E 90 44.42 -46.31 15.20
CA SER E 90 43.08 -46.19 15.80
C SER E 90 42.33 -45.10 15.05
N ARG E 91 42.99 -44.01 14.66
CA ARG E 91 42.33 -42.91 13.91
C ARG E 91 41.82 -43.48 12.58
N ASN E 92 42.65 -44.21 11.86
CA ASN E 92 42.25 -44.76 10.53
C ASN E 92 41.09 -45.71 10.71
N GLN E 93 41.15 -46.57 11.74
CA GLN E 93 40.11 -47.58 11.99
C GLN E 93 38.82 -46.87 12.34
N LEU E 94 38.86 -45.86 13.22
CA LEU E 94 37.61 -45.20 13.67
C LEU E 94 37.05 -44.40 12.50
N ASN E 95 37.93 -43.91 11.64
CA ASN E 95 37.52 -43.12 10.47
C ASN E 95 36.78 -44.01 9.47
N ALA E 96 37.33 -45.17 9.15
CA ALA E 96 36.68 -46.21 8.31
C ALA E 96 35.34 -46.64 8.91
N PHE E 97 35.30 -46.83 10.22
CA PHE E 97 34.07 -47.14 10.98
C PHE E 97 33.02 -46.05 10.71
N LEU E 98 33.37 -44.76 10.85
CA LEU E 98 32.41 -43.65 10.61
C LEU E 98 31.91 -43.72 9.16
N GLN E 99 32.81 -43.95 8.19
CA GLN E 99 32.43 -44.00 6.75
C GLN E 99 31.40 -45.11 6.58
N ASN E 100 31.62 -46.27 7.19
CA ASN E 100 30.73 -47.45 7.07
C ASN E 100 29.38 -47.12 7.68
N LEU E 101 29.34 -46.48 8.84
CA LEU E 101 28.03 -46.11 9.45
C LEU E 101 27.29 -45.18 8.49
N LEU E 102 27.98 -44.18 7.94
CA LEU E 102 27.26 -43.08 7.25
C LEU E 102 26.83 -43.53 5.85
N SER E 103 27.33 -44.66 5.36
CA SER E 103 26.93 -45.26 4.06
C SER E 103 25.81 -46.30 4.27
N ASP E 104 25.31 -46.47 5.49
CA ASP E 104 24.36 -47.54 5.85
C ASP E 104 23.00 -46.93 6.11
N GLU E 105 22.08 -47.12 5.15
CA GLU E 105 20.72 -46.52 5.11
C GLU E 105 19.97 -46.87 6.39
N ARG E 106 20.29 -48.01 7.04
CA ARG E 106 19.57 -48.38 8.29
C ARG E 106 19.84 -47.33 9.36
N LEU E 107 20.91 -46.53 9.25
CA LEU E 107 21.31 -45.62 10.35
C LEU E 107 20.88 -44.19 10.07
N PHE E 108 20.27 -43.90 8.90
CA PHE E 108 20.12 -42.49 8.47
C PHE E 108 19.18 -41.76 9.40
N GLN E 109 18.47 -42.48 10.29
CA GLN E 109 17.62 -41.79 11.29
C GLN E 109 18.05 -42.17 12.73
N SER E 110 19.23 -42.77 12.91
CA SER E 110 19.78 -43.18 14.23
C SER E 110 19.95 -41.97 15.14
N GLU E 111 19.14 -41.86 16.18
CA GLU E 111 19.24 -40.78 17.20
C GLU E 111 20.63 -40.85 17.91
N ALA E 112 21.25 -42.02 18.01
CA ALA E 112 22.55 -42.20 18.71
C ALA E 112 23.65 -41.61 17.81
N LEU E 113 23.67 -41.97 16.52
CA LEU E 113 24.63 -41.43 15.54
C LEU E 113 24.45 -39.92 15.44
N TYR E 114 23.22 -39.45 15.45
CA TYR E 114 22.96 -38.01 15.38
C TYR E 114 23.59 -37.33 16.59
N ALA E 115 23.38 -37.85 17.79
CA ALA E 115 23.89 -37.22 19.05
C ALA E 115 25.43 -37.27 19.06
N PHE E 116 26.03 -38.34 18.57
CA PHE E 116 27.48 -38.51 18.50
C PHE E 116 28.12 -37.51 17.53
N LEU E 117 27.52 -37.25 16.35
CA LEU E 117 28.09 -36.37 15.29
C LEU E 117 27.71 -34.93 15.56
N SER E 118 26.85 -34.68 16.54
CA SER E 118 26.40 -33.31 16.91
C SER E 118 27.44 -32.64 17.80
N PRO E 119 27.42 -31.31 17.85
CA PRO E 119 28.34 -30.55 18.68
C PRO E 119 28.25 -30.98 20.15
N SER E 120 29.38 -30.96 20.84
CA SER E 120 29.53 -31.24 22.30
C SER E 120 29.87 -29.95 23.03
N LEU E 121 28.93 -29.47 23.87
CA LEU E 121 28.96 -28.24 24.69
C LEU E 121 28.67 -28.62 26.15
OH4 1PE F . -5.60 -0.81 21.20
C14 1PE F . -4.50 -2.79 20.30
C24 1PE F . -5.00 -1.39 20.03
OH5 1PE F . -3.54 -3.15 19.31
C15 1PE F . -1.92 -4.70 18.42
C25 1PE F . -2.91 -4.42 19.53
OH6 1PE F . -2.64 -5.16 17.27
C16 1PE F . -2.73 -4.92 14.87
C26 1PE F . -1.86 -5.21 16.07
OH7 1PE F . -3.95 -5.65 14.84
OH5 1PE G . -13.92 16.17 11.78
C15 1PE G . -14.69 14.49 13.36
C25 1PE G . -14.76 15.02 11.91
OH6 1PE G . -13.95 13.27 13.47
OH2 1PE H . -2.87 4.32 16.18
C12 1PE H . -1.81 4.54 17.11
C22 1PE H . -2.30 4.73 18.55
OH3 1PE H . -2.97 5.99 18.73
C13 1PE H . -2.94 8.46 18.62
C23 1PE H . -2.34 7.13 18.14
OH4 1PE H . -3.67 9.12 17.58
C14 1PE H . -1.94 9.55 15.91
C24 1PE H . -2.95 10.15 16.88
OH5 1PE H . -2.16 10.01 14.57
C15 1PE H . -0.84 11.65 13.35
C25 1PE H . -0.96 10.22 13.82
OH6 1PE H . 0.03 12.35 14.24
OH6 1PE I . -14.09 10.80 19.49
C16 1PE I . -16.11 11.65 20.42
C26 1PE I . -14.89 10.81 20.67
OH7 1PE I . -16.74 11.34 19.16
C1 GOL J . -1.81 1.71 -8.40
O1 GOL J . -0.91 2.82 -8.45
C2 GOL J . -2.63 1.66 -7.12
O2 GOL J . -3.99 1.41 -7.46
C3 GOL J . -2.18 0.59 -6.14
O3 GOL J . -1.06 1.01 -5.37
C1 GOL K . -12.20 12.48 -5.75
O1 GOL K . -12.27 13.31 -4.56
C2 GOL K . -11.05 11.47 -5.73
O2 GOL K . -11.50 10.13 -5.86
C3 GOL K . -10.01 11.67 -6.80
O3 GOL K . -8.74 11.93 -6.21
C1 GOL L . -12.73 4.67 -3.49
O1 GOL L . -13.04 5.92 -4.10
C2 GOL L . -11.79 4.85 -2.32
O2 GOL L . -10.43 4.81 -2.78
C3 GOL L . -11.93 3.82 -1.22
O3 GOL L . -13.29 3.47 -0.93
C1 GOL M . -3.89 15.27 11.35
O1 GOL M . -4.08 14.78 10.03
C2 GOL M . -2.41 15.38 11.68
O2 GOL M . -1.82 14.08 11.47
C3 GOL M . -1.71 16.45 10.85
O3 GOL M . -0.57 16.98 11.51
C1 GOL N . -10.45 -5.08 17.33
O1 GOL N . -10.03 -5.25 15.99
C2 GOL N . -10.16 -6.28 18.23
O2 GOL N . -8.77 -6.33 18.51
C3 GOL N . -10.88 -6.26 19.56
O3 GOL N . -12.31 -6.22 19.44
CL CL O . -23.50 -9.65 15.65
OH3 1PE P . -10.90 22.03 7.73
C13 1PE P . -10.37 19.64 8.21
C23 1PE P . -10.69 20.75 7.15
OH4 1PE P . -11.52 18.83 8.51
C14 1PE P . -13.60 19.02 9.80
C24 1PE P . -12.71 19.61 8.71
OH5 1PE P . -14.96 19.07 9.38
C15 1PE P . -16.05 17.86 7.57
C25 1PE P . -15.54 17.82 9.02
OH6 1PE P . -15.60 16.74 6.77
C16 1PE P . -16.56 14.67 7.76
C26 1PE P . -16.54 15.67 6.63
OH7 1PE P . -17.12 15.21 8.94
OH4 1PE Q . -13.73 25.43 6.03
C14 1PE Q . -11.72 24.36 5.25
C24 1PE Q . -12.68 24.54 6.40
OH5 1PE Q . -10.66 25.31 5.26
C15 1PE Q . -8.41 25.93 5.87
C25 1PE Q . -9.38 24.77 5.62
OH6 1PE Q . -7.09 25.49 5.62
C16 1PE Q . -6.23 24.42 3.60
C26 1PE Q . -6.63 25.73 4.29
OH7 1PE Q . -6.69 24.27 2.18
OH4 1PE R . -3.33 38.60 6.47
C14 1PE R . -5.06 38.57 4.80
C24 1PE R . -4.67 39.00 6.20
OH5 1PE R . -6.47 38.34 4.76
C15 1PE R . -6.51 39.02 2.41
C25 1PE R . -7.18 39.11 3.79
OH6 1PE R . -7.42 39.19 1.30
C16 1PE R . -9.00 40.85 0.52
C26 1PE R . -8.64 39.86 1.58
OH7 1PE R . -8.18 42.01 0.55
OH6 1PE S . -8.25 39.62 -16.79
C16 1PE S . -8.31 39.22 -19.16
C26 1PE S . -7.50 39.72 -18.01
OH7 1PE S . -9.61 39.79 -19.17
OH6 1PE T . -32.95 34.84 -16.18
C16 1PE T . -32.74 34.17 -18.48
C26 1PE T . -33.10 35.29 -17.52
OH7 1PE T . -31.32 33.88 -18.52
OH6 1PE U . -20.85 29.11 5.27
C16 1PE U . -18.73 29.88 4.58
C26 1PE U . -20.13 30.27 4.90
OH7 1PE U . -18.65 28.95 3.50
CL CL V . -3.49 29.02 -8.24
C14 1PE W . 32.28 -21.03 12.00
C24 1PE W . 33.57 -20.45 12.58
OH5 1PE W . 32.12 -20.76 10.59
C15 1PE W . 31.26 -21.43 8.38
C25 1PE W . 31.66 -21.87 9.80
OH6 1PE W . 30.45 -22.42 7.76
C16 1PE W . 28.24 -23.37 8.14
C26 1PE W . 29.05 -22.13 7.74
OH7 1PE W . 27.15 -23.14 9.13
C1 GOL X . 18.08 -3.30 34.52
O1 GOL X . 17.23 -3.83 35.53
C2 GOL X . 19.23 -2.49 35.08
O2 GOL X . 20.48 -2.99 34.59
C3 GOL X . 19.16 -1.02 34.72
O3 GOL X . 20.21 -0.71 33.81
C1 GOL Y . 25.75 -7.85 4.30
O1 GOL Y . 25.92 -9.15 4.88
C2 GOL Y . 25.08 -6.89 5.26
O2 GOL Y . 25.87 -6.68 6.43
C3 GOL Y . 24.80 -5.55 4.61
O3 GOL Y . 25.77 -4.58 4.98
C1 GOL Z . 8.00 -6.35 18.20
O1 GOL Z . 8.83 -5.74 17.22
C2 GOL Z . 6.56 -6.14 17.84
O2 GOL Z . 6.34 -6.69 16.55
C3 GOL Z . 6.14 -4.68 17.85
O3 GOL Z . 7.11 -3.87 17.19
C1 GOL AA . 32.23 -6.58 14.12
O1 GOL AA . 31.40 -5.56 13.58
C2 GOL AA . 32.34 -6.48 15.63
O2 GOL AA . 32.07 -5.14 16.08
C3 GOL AA . 31.44 -7.45 16.38
O3 GOL AA . 32.09 -8.08 17.49
C1 GOL BA . 16.47 -20.04 20.07
O1 GOL BA . 16.52 -21.32 19.46
C2 GOL BA . 15.31 -19.23 19.53
O2 GOL BA . 15.08 -19.67 18.20
C3 GOL BA . 15.56 -17.72 19.57
O3 GOL BA . 14.43 -16.91 19.92
CL CL CA . 33.83 -23.95 11.54
C ACY DA . 11.48 0.25 13.12
O ACY DA . 11.03 -0.57 13.90
OXT ACY DA . 12.54 0.06 12.51
CH3 ACY DA . 10.68 1.55 12.90
OH2 1PE EA . -43.16 26.84 -41.17
C12 1PE EA . -44.20 26.43 -42.20
C22 1PE EA . -44.21 24.94 -42.57
OH3 1PE EA . -45.48 24.29 -42.36
C13 1PE EA . -45.62 22.95 -40.28
C23 1PE EA . -45.99 24.25 -41.01
OH4 1PE EA . -45.89 23.02 -38.86
OH5 1PE FA . -10.88 23.19 -18.70
C15 1PE FA . -11.57 24.57 -20.47
C25 1PE FA . -11.57 23.18 -19.94
OH6 1PE FA . -12.82 24.82 -21.10
C16 1PE FA . -14.20 23.71 -22.72
C26 1PE FA . -12.88 24.39 -22.46
OH7 1PE FA . -15.25 24.63 -22.99
OH6 1PE GA . -24.28 11.38 -17.56
C16 1PE GA . -22.61 13.10 -17.25
C26 1PE GA . -23.39 12.26 -18.23
OH7 1PE GA . -22.32 14.42 -17.75
OH3 1PE HA . -33.54 12.56 -47.02
C13 1PE HA . -34.37 14.79 -46.70
C23 1PE HA . -34.07 13.46 -46.04
OH4 1PE HA . -35.74 15.16 -46.51
C14 1PE HA . -37.93 15.43 -47.48
C24 1PE HA . -36.43 15.65 -47.65
OH5 1PE HA . -38.49 14.94 -48.68
C15 1PE HA . -40.03 15.21 -50.45
C25 1PE HA . -39.08 15.93 -49.52
OH6 1PE HA . -40.37 16.03 -51.56
C1 GOL IA . -19.56 19.49 -33.10
O1 GOL IA . -20.94 19.86 -33.04
C2 GOL IA . -19.37 17.98 -33.06
O2 GOL IA . -19.86 17.43 -34.28
C3 GOL IA . -17.93 17.53 -32.85
O3 GOL IA . -17.31 18.21 -31.75
CL CL JA . -48.78 24.48 -38.08
C ACY KA . -18.31 22.15 -40.58
O ACY KA . -19.22 21.34 -40.91
OXT ACY KA . -17.41 21.87 -39.75
CH3 ACY KA . -18.29 23.57 -41.22
OH3 1PE LA . 35.04 -27.77 9.71
C13 1PE LA . 35.55 -27.47 12.08
C23 1PE LA . 34.71 -27.02 10.88
OH4 1PE LA . 35.63 -26.49 13.12
C14 1PE LA . 37.81 -25.40 13.53
C24 1PE LA . 36.47 -25.34 12.82
OH5 1PE LA . 37.74 -26.31 14.64
C15 1PE LA . 37.01 -26.89 16.88
C25 1PE LA . 37.14 -25.78 15.84
OH6 1PE LA . 35.71 -27.00 17.48
OH6 1PE MA . 22.81 -57.03 9.28
C16 1PE MA . 23.78 -58.08 7.32
C26 1PE MA . 22.88 -58.25 8.53
OH7 1PE MA . 24.45 -56.81 7.28
C1 GOL NA . 49.55 -39.22 12.10
O1 GOL NA . 49.81 -40.56 11.72
C2 GOL NA . 50.57 -38.26 11.51
O2 GOL NA . 50.05 -36.94 11.66
C3 GOL NA . 51.94 -38.40 12.16
O3 GOL NA . 52.95 -37.52 11.65
C1 GOL OA . 47.73 -34.72 14.43
O1 GOL OA . 48.47 -34.50 13.23
C2 GOL OA . 48.19 -33.77 15.53
O2 GOL OA . 48.81 -32.65 14.91
C3 GOL OA . 47.09 -33.29 16.49
O3 GOL OA . 47.01 -34.01 17.73
C1 GOL PA . 38.67 -47.55 26.30
O1 GOL PA . 37.52 -46.95 26.90
C2 GOL PA . 38.56 -49.06 26.21
O2 GOL PA . 39.64 -49.59 25.45
C3 GOL PA . 38.49 -49.75 27.56
O3 GOL PA . 37.59 -50.86 27.53
CL CL QA . 50.41 -52.43 26.60
#